data_4DAG
#
_entry.id   4DAG
#
_cell.length_a   258.96
_cell.length_b   258.96
_cell.length_c   167.36
_cell.angle_alpha   90.00
_cell.angle_beta   90.00
_cell.angle_gamma   120.00
#
_symmetry.space_group_name_H-M   'P 63 2 2'
#
loop_
_entity.id
_entity.type
_entity.pdbx_description
1 polymer 'Fusion glycoprotein F0'
2 polymer 'Neutralizing Antibody DS7 heavy chain'
3 polymer 'Neutralizing Antibody DS7 light chain'
4 branched alpha-D-mannopyranose-(1-3)-[alpha-D-mannopyranose-(1-6)]beta-D-mannopyranose-(1-4)-2-acetamido-2-deoxy-beta-D-glucopyranose-(1-4)-2-acetamido-2-deoxy-beta-D-glucopyranose
#
loop_
_entity_poly.entity_id
_entity_poly.type
_entity_poly.pdbx_seq_one_letter_code
_entity_poly.pdbx_strand_id
1 'polypeptide(L)'
;GLKESYLEESCSTITEGYLSVLRTGWYTNVFTLEVGDVENLTCTDGPSLIKTELDLTKSALRELKTVSADQLAREEQIEN
PRQSRFVLGAIALGVATAAAVTAGIAIAKTIRLESEVNAIKGALKTTNEAVSTLGNGVRVLATAVRELKEFVSKNLTSAI
NKNKCDIADLKMAVSFSQFNRRFLNVVRQFSDNAGITPAISLDLMTDAELARAVSYMPTSAGQIKLMLENRAMVRRKGFG
ILIGVYGSSVIYMVQLPIFGVIDTPCWIIKAAPSCSEKDGNYACLLREDQGWYCKNAGSTVYYPNDKDCETRGDHVFCDT
AAGINVAEQSRECNINISTTNYPCKVSTGRHPISMVALSPLGALVACYKGVSCSIGSNRVGIIKQLPKGCSYITNQDADT
VTIDNTVYQLSKVEG
;
A
2 'polypeptide(L)'
;EVQLLESGGGLVQPGGSRRLSCAASGFTVSSSYMSWVRQTPGKGLEWISVFYSGGTTYYADAVKGRFSISMDTSKNTLHL
QMNSLRVEDTAIYYCARVLSRASGMPDAFDIWGPGTMVTVSSASTKGPSVFPLAPSSAATSGGTAALGCLVKDYFPEPVT
VSWNSGALTSGVHTFPAVLQSSGLYSLSSVVTVPSSSLGTQTYICNVNHKPSNTKVDKKV
;
H
3 'polypeptide(L)'
;ELALIQPASVSVSPGQTASITCSGDKLGDKYASWYQQKPGQSPVLVIYQDSERPSGIPERFSGSNSGNTATLTISGTQAM
DEADYYCQAWDSSTAVFGGGTTLTVLGQPKAAPSVTLFPPSSEELQANKATLVCLISDFYPGAVTVAWKADSSPVKAGVE
TTTPSKQSNNKYAASSYLSLTPEQWKSHRSYSCQVTHEGSTVEKTVAPTECSM
;
L
#
loop_
_chem_comp.id
_chem_comp.type
_chem_comp.name
_chem_comp.formula
BMA D-saccharide, beta linking beta-D-mannopyranose 'C6 H12 O6'
MAN D-saccharide, alpha linking alpha-D-mannopyranose 'C6 H12 O6'
NAG D-saccharide, beta linking 2-acetamido-2-deoxy-beta-D-glucopyranose 'C8 H15 N O6'
#
# COMPACT_ATOMS: atom_id res chain seq x y z
N GLY A 1 4.76 -9.98 -0.39
CA GLY A 1 6.14 -9.85 -0.84
C GLY A 1 6.96 -8.95 0.07
N LEU A 2 8.25 -8.79 -0.22
CA LEU A 2 9.14 -7.95 0.60
C LEU A 2 9.70 -6.75 -0.15
N LYS A 3 9.47 -5.54 0.39
CA LYS A 3 10.00 -4.30 -0.17
C LYS A 3 11.09 -3.64 0.68
N GLU A 4 11.97 -2.87 0.03
CA GLU A 4 13.08 -2.13 0.64
C GLU A 4 13.18 -0.74 -0.01
N SER A 5 13.53 0.30 0.75
CA SER A 5 13.68 1.65 0.18
C SER A 5 14.93 2.33 0.70
N TYR A 6 15.68 3.03 -0.13
CA TYR A 6 16.95 3.58 0.33
C TYR A 6 16.82 5.06 0.58
N LEU A 7 17.36 5.55 1.70
CA LEU A 7 17.22 6.96 2.02
C LEU A 7 18.55 7.70 1.83
N GLU A 8 18.67 8.42 0.72
CA GLU A 8 19.98 8.97 0.37
C GLU A 8 20.56 9.90 1.45
N GLU A 9 19.71 10.61 2.20
CA GLU A 9 20.23 11.51 3.23
C GLU A 9 20.87 10.82 4.44
N SER A 10 20.27 9.72 4.90
CA SER A 10 20.75 9.02 6.09
C SER A 10 21.64 7.85 5.72
N CYS A 11 21.80 7.62 4.42
CA CYS A 11 22.51 6.45 3.88
C CYS A 11 22.13 5.13 4.58
N SER A 12 20.82 4.88 4.68
CA SER A 12 20.27 3.75 5.41
C SER A 12 19.18 3.09 4.58
N THR A 13 18.81 1.86 4.93
CA THR A 13 17.83 1.06 4.20
C THR A 13 16.65 0.69 5.03
N ILE A 14 15.44 0.85 4.52
CA ILE A 14 14.31 0.38 5.30
C ILE A 14 13.41 -0.61 4.58
N THR A 15 13.41 -1.82 5.11
CA THR A 15 12.83 -2.99 4.46
C THR A 15 11.49 -3.35 5.11
N GLU A 16 10.45 -3.45 4.31
CA GLU A 16 9.10 -3.59 4.88
C GLU A 16 8.44 -4.86 4.40
N GLY A 17 7.35 -5.25 5.07
CA GLY A 17 6.57 -6.39 4.62
C GLY A 17 6.79 -7.68 5.38
N TYR A 18 7.35 -7.55 6.58
CA TYR A 18 7.51 -8.70 7.47
C TYR A 18 6.37 -8.82 8.48
N LEU A 19 5.70 -9.97 8.50
CA LEU A 19 4.63 -10.19 9.46
C LEU A 19 5.22 -10.80 10.72
N SER A 20 5.25 -10.02 11.79
CA SER A 20 5.94 -10.44 13.00
C SER A 20 5.17 -11.54 13.69
N VAL A 21 5.90 -12.59 14.09
CA VAL A 21 5.46 -13.58 15.07
C VAL A 21 6.20 -13.35 16.39
N LEU A 22 5.44 -13.00 17.43
CA LEU A 22 5.99 -12.52 18.69
C LEU A 22 5.72 -13.43 19.90
N ARG A 23 6.78 -13.79 20.62
CA ARG A 23 6.61 -14.56 21.85
C ARG A 23 6.12 -13.63 22.96
N THR A 24 5.18 -14.12 23.76
CA THR A 24 4.67 -13.34 24.87
C THR A 24 4.99 -14.04 26.21
N GLY A 25 4.31 -15.16 26.46
CA GLY A 25 4.58 -15.99 27.62
C GLY A 25 5.24 -17.33 27.29
N TRP A 26 5.19 -18.25 28.24
CA TRP A 26 5.76 -19.59 28.06
C TRP A 26 4.79 -20.67 28.55
N TYR A 27 4.53 -21.66 27.71
CA TYR A 27 3.75 -22.83 28.13
C TYR A 27 4.72 -23.83 28.75
N THR A 28 4.57 -24.13 30.03
CA THR A 28 5.47 -25.11 30.64
C THR A 28 4.76 -26.48 30.81
N ASN A 29 5.34 -27.50 30.21
CA ASN A 29 4.81 -28.86 30.28
C ASN A 29 5.86 -29.82 30.84
N VAL A 30 5.48 -30.49 31.93
CA VAL A 30 6.37 -31.43 32.59
C VAL A 30 6.09 -32.86 32.17
N PHE A 31 7.02 -33.43 31.42
CA PHE A 31 7.04 -34.84 31.20
C PHE A 31 7.96 -35.43 32.27
N THR A 32 7.47 -36.46 32.97
CA THR A 32 8.33 -37.26 33.82
C THR A 32 8.26 -38.71 33.33
N LEU A 33 9.37 -39.20 32.78
CA LEU A 33 9.42 -40.52 32.16
C LEU A 33 9.83 -41.58 33.17
N GLU A 34 8.98 -42.60 33.35
CA GLU A 34 9.33 -43.73 34.22
C GLU A 34 10.20 -44.74 33.46
N VAL A 35 10.64 -45.77 34.16
CA VAL A 35 11.63 -46.70 33.61
C VAL A 35 11.13 -47.60 32.45
N GLY A 36 9.86 -48.01 32.50
CA GLY A 36 9.31 -49.10 31.66
C GLY A 36 9.22 -48.93 30.15
N ASP A 37 8.73 -49.97 29.47
CA ASP A 37 8.37 -51.25 30.12
C ASP A 37 9.47 -52.29 30.14
N VAL A 38 9.92 -52.55 31.36
CA VAL A 38 10.95 -53.54 31.65
C VAL A 38 10.33 -54.92 31.93
N GLU A 39 9.00 -55.01 31.82
CA GLU A 39 8.22 -56.20 32.22
C GLU A 39 8.43 -57.48 31.38
N ASN A 40 9.21 -57.34 30.31
CA ASN A 40 9.65 -58.45 29.45
C ASN A 40 10.98 -59.05 29.90
N LEU A 41 11.39 -58.66 31.11
CA LEU A 41 12.61 -59.17 31.78
C LEU A 41 12.55 -60.66 32.23
N THR A 42 13.66 -61.37 32.04
CA THR A 42 13.72 -62.76 32.44
C THR A 42 13.73 -62.78 33.96
N CYS A 43 13.66 -63.98 34.52
CA CYS A 43 13.56 -64.13 35.97
C CYS A 43 14.92 -64.31 36.60
N THR A 44 15.92 -64.48 35.74
CA THR A 44 17.21 -65.07 36.12
C THR A 44 18.44 -64.23 35.76
N ASP A 45 19.39 -64.28 36.67
CA ASP A 45 20.69 -63.63 36.51
C ASP A 45 21.56 -64.38 35.51
N GLY A 46 22.61 -63.72 35.09
CA GLY A 46 23.80 -64.43 34.69
C GLY A 46 24.88 -63.40 34.56
N PRO A 47 26.12 -63.80 34.79
CA PRO A 47 27.16 -62.99 34.14
C PRO A 47 27.44 -63.38 32.66
N SER A 48 26.36 -63.57 31.91
CA SER A 48 26.35 -63.76 30.45
C SER A 48 26.19 -62.38 29.78
N LEU A 49 26.16 -62.28 28.45
CA LEU A 49 26.32 -60.94 27.86
C LEU A 49 25.30 -60.37 26.85
N ILE A 50 24.52 -59.37 27.31
CA ILE A 50 24.10 -58.16 26.55
C ILE A 50 23.70 -57.00 27.46
N LYS A 51 23.99 -55.81 26.99
CA LYS A 51 23.34 -54.59 27.47
C LYS A 51 23.23 -54.32 28.99
N THR A 52 22.05 -53.82 29.34
CA THR A 52 21.88 -52.83 30.39
C THR A 52 22.77 -51.66 30.04
N GLU A 53 23.74 -51.38 30.91
CA GLU A 53 24.75 -50.37 30.65
C GLU A 53 24.05 -49.02 30.40
N LEU A 54 22.81 -48.95 30.84
CA LEU A 54 22.07 -47.70 30.99
C LEU A 54 22.08 -47.31 32.46
N ASP A 55 22.74 -48.13 33.27
CA ASP A 55 22.98 -47.81 34.66
C ASP A 55 23.77 -46.49 34.78
N LEU A 56 24.90 -46.40 34.08
CA LEU A 56 25.82 -45.25 34.21
C LEU A 56 25.14 -43.94 33.85
N THR A 57 24.12 -44.04 33.00
CA THR A 57 23.18 -42.95 32.77
C THR A 57 22.41 -42.53 34.02
N LYS A 58 21.62 -43.46 34.56
CA LYS A 58 20.74 -43.18 35.69
C LYS A 58 21.56 -42.70 36.89
N SER A 59 22.88 -42.94 36.84
CA SER A 59 23.86 -42.36 37.74
C SER A 59 24.36 -41.00 37.23
N ALA A 60 24.95 -41.01 36.02
CA ALA A 60 25.57 -39.82 35.44
C ALA A 60 24.72 -38.54 35.52
N LEU A 61 23.42 -38.66 35.28
CA LEU A 61 22.50 -37.52 35.42
C LEU A 61 22.06 -37.31 36.86
N ARG A 62 21.85 -38.40 37.58
CA ARG A 62 21.58 -38.32 39.02
C ARG A 62 22.78 -37.64 39.68
N GLU A 63 23.96 -37.86 39.10
CA GLU A 63 25.18 -37.18 39.55
C GLU A 63 25.06 -35.65 39.47
N LEU A 64 24.90 -35.15 38.26
CA LEU A 64 24.70 -33.71 38.04
C LEU A 64 23.33 -33.18 38.50
N LYS A 65 22.40 -34.09 38.85
CA LYS A 65 21.14 -33.65 39.43
C LYS A 65 21.42 -32.93 40.74
N THR A 66 22.50 -33.34 41.40
CA THR A 66 23.07 -32.63 42.56
C THR A 66 24.00 -31.46 42.17
N VAL A 67 24.70 -31.59 41.04
CA VAL A 67 25.54 -30.51 40.52
C VAL A 67 24.75 -29.20 40.34
N SER A 68 23.60 -29.27 39.66
CA SER A 68 22.70 -28.13 39.59
C SER A 68 22.13 -27.78 40.96
N ALA A 69 21.77 -28.80 41.73
CA ALA A 69 21.25 -28.63 43.09
C ALA A 69 22.31 -28.10 44.07
N ASP A 70 23.59 -28.20 43.69
CA ASP A 70 24.69 -27.72 44.52
C ASP A 70 25.43 -26.56 43.88
N GLN A 71 26.22 -26.85 42.85
CA GLN A 71 26.99 -25.84 42.13
C GLN A 71 26.14 -24.64 41.69
N LEU A 72 24.87 -24.87 41.37
CA LEU A 72 23.96 -23.78 41.04
C LEU A 72 22.97 -23.46 42.17
N ALA A 73 21.99 -24.36 42.38
CA ALA A 73 20.87 -24.12 43.28
C ALA A 73 21.27 -23.56 44.64
N ARG A 74 22.05 -24.31 45.42
CA ARG A 74 22.52 -23.83 46.72
C ARG A 74 23.42 -22.60 46.58
N GLU A 75 24.34 -22.66 45.62
CA GLU A 75 25.30 -21.58 45.38
C GLU A 75 24.66 -20.32 44.81
N GLU A 76 23.39 -20.39 44.42
CA GLU A 76 22.62 -19.19 44.10
C GLU A 76 22.25 -18.51 45.41
N GLN A 77 21.94 -19.34 46.41
CA GLN A 77 21.63 -18.89 47.77
C GLN A 77 20.59 -17.75 47.77
N THR A 97 19.98 -9.58 24.90
CA THR A 97 19.93 -10.21 26.22
C THR A 97 18.66 -11.04 26.44
N ALA A 98 18.18 -11.67 25.37
CA ALA A 98 17.13 -12.68 25.48
C ALA A 98 17.32 -13.75 24.41
N ALA A 99 17.19 -15.03 24.78
CA ALA A 99 16.90 -15.44 26.16
C ALA A 99 18.17 -15.85 26.88
N ALA A 100 18.57 -15.02 27.84
CA ALA A 100 19.67 -15.29 28.74
C ALA A 100 19.11 -15.45 30.14
N VAL A 101 18.73 -14.33 30.75
CA VAL A 101 18.06 -14.31 32.04
C VAL A 101 16.79 -15.17 32.03
N THR A 102 15.96 -15.00 31.00
CA THR A 102 14.58 -15.54 30.98
C THR A 102 14.45 -17.00 31.44
N ALA A 103 14.99 -17.95 30.68
CA ALA A 103 14.96 -19.35 31.11
C ALA A 103 15.99 -19.54 32.21
N GLY A 104 17.11 -18.82 32.12
CA GLY A 104 18.09 -18.76 33.19
C GLY A 104 17.45 -18.39 34.52
N ILE A 105 16.47 -17.50 34.50
CA ILE A 105 15.63 -17.20 35.67
C ILE A 105 14.46 -18.15 35.88
N ALA A 106 13.87 -18.61 34.78
CA ALA A 106 12.69 -19.47 34.85
C ALA A 106 12.98 -20.83 35.50
N ILE A 107 14.23 -21.07 35.87
CA ILE A 107 14.58 -22.18 36.75
C ILE A 107 13.75 -22.14 38.04
N ALA A 108 13.50 -20.94 38.54
CA ALA A 108 12.72 -20.73 39.77
C ALA A 108 11.27 -21.19 39.60
N LYS A 109 10.93 -21.66 38.41
CA LYS A 109 9.74 -22.48 38.21
C LYS A 109 9.97 -23.89 38.78
N THR A 110 11.20 -24.41 38.58
CA THR A 110 11.63 -25.70 39.14
C THR A 110 11.83 -25.72 40.67
N ILE A 111 12.40 -24.65 41.23
CA ILE A 111 12.53 -24.51 42.68
C ILE A 111 11.17 -24.76 43.34
N ARG A 112 10.10 -24.50 42.61
CA ARG A 112 8.77 -24.96 43.00
C ARG A 112 8.60 -26.46 42.74
N LEU A 113 8.91 -26.87 41.51
CA LEU A 113 8.78 -28.26 41.08
C LEU A 113 9.70 -29.20 41.87
N GLU A 114 11.01 -28.95 41.81
CA GLU A 114 11.97 -29.72 42.62
C GLU A 114 12.15 -29.09 44.01
N SER A 115 12.95 -29.71 44.86
CA SER A 115 12.97 -29.30 46.26
C SER A 115 11.53 -29.44 46.73
N GLU A 116 10.94 -30.59 46.41
CA GLU A 116 9.55 -30.87 46.75
C GLU A 116 9.42 -32.33 47.17
N VAL A 117 8.21 -32.76 47.50
CA VAL A 117 7.88 -34.17 47.45
C VAL A 117 7.29 -34.40 46.07
N ASN A 118 6.68 -35.56 45.82
CA ASN A 118 6.23 -35.86 44.48
C ASN A 118 5.43 -34.70 43.87
N ALA A 119 4.70 -33.99 44.73
CA ALA A 119 3.63 -33.08 44.31
C ALA A 119 2.56 -33.92 43.61
N ILE A 120 2.27 -33.57 42.37
CA ILE A 120 1.35 -34.34 41.53
C ILE A 120 1.87 -35.74 41.14
N LYS A 121 3.15 -36.01 41.37
CA LYS A 121 3.88 -36.91 40.47
C LYS A 121 3.06 -38.11 40.01
N GLY A 122 2.76 -39.04 40.90
CA GLY A 122 2.00 -40.23 40.52
C GLY A 122 0.55 -39.89 40.24
N ALA A 123 0.00 -39.05 41.11
CA ALA A 123 -1.39 -38.59 41.05
C ALA A 123 -1.62 -37.77 39.78
N LEU A 124 -0.53 -37.32 39.18
CA LEU A 124 -0.63 -36.58 37.92
C LEU A 124 -1.35 -37.38 36.83
N LYS A 125 -0.64 -38.36 36.27
CA LYS A 125 -1.19 -39.14 35.18
C LYS A 125 -2.21 -40.14 35.70
N THR A 126 -1.74 -41.05 36.54
CA THR A 126 -2.54 -42.16 37.07
C THR A 126 -3.32 -42.93 36.01
N THR A 127 -4.61 -43.14 36.28
CA THR A 127 -5.43 -44.01 35.45
C THR A 127 -6.87 -43.52 35.27
N ASN A 128 -7.34 -43.52 34.02
CA ASN A 128 -6.43 -43.75 32.91
C ASN A 128 -6.28 -42.55 31.99
N GLU A 129 -5.16 -41.85 32.11
CA GLU A 129 -4.52 -41.15 30.98
C GLU A 129 -3.03 -40.92 31.27
N ALA A 130 -2.23 -40.88 30.21
CA ALA A 130 -0.82 -40.52 30.33
C ALA A 130 -0.71 -39.00 30.38
N VAL A 131 -1.77 -38.34 29.91
CA VAL A 131 -1.93 -36.89 29.92
C VAL A 131 -2.32 -36.38 31.32
N SER A 132 -2.53 -35.07 31.40
CA SER A 132 -3.12 -34.42 32.58
C SER A 132 -4.07 -33.34 32.06
N THR A 133 -5.01 -32.92 32.90
CA THR A 133 -5.83 -31.73 32.60
C THR A 133 -5.05 -30.49 33.09
N LEU A 134 -4.82 -30.46 34.41
CA LEU A 134 -3.97 -29.50 35.08
C LEU A 134 -2.92 -30.23 35.93
N GLY A 135 -1.69 -29.76 35.87
CA GLY A 135 -0.82 -29.99 36.99
C GLY A 135 -1.21 -29.05 38.12
N ASN A 136 -1.31 -29.55 39.34
CA ASN A 136 -1.56 -28.66 40.45
C ASN A 136 -0.24 -28.03 40.90
N GLY A 137 -0.30 -27.20 41.94
CA GLY A 137 0.91 -26.68 42.56
C GLY A 137 0.68 -25.37 43.29
N VAL A 138 1.76 -24.62 43.52
CA VAL A 138 1.64 -23.22 43.89
C VAL A 138 1.13 -22.48 42.66
N ARG A 139 1.44 -23.06 41.49
CA ARG A 139 0.88 -22.66 40.21
C ARG A 139 0.55 -23.93 39.42
N VAL A 140 0.00 -23.75 38.21
CA VAL A 140 -0.42 -24.90 37.40
C VAL A 140 0.67 -25.34 36.41
N LEU A 141 0.41 -26.41 35.66
CA LEU A 141 1.37 -26.94 34.68
C LEU A 141 0.78 -28.14 33.94
N ALA A 142 1.36 -28.48 32.79
CA ALA A 142 0.97 -29.70 32.09
C ALA A 142 1.68 -30.88 32.77
N THR A 143 1.10 -32.07 32.66
CA THR A 143 1.82 -33.29 33.04
C THR A 143 1.65 -34.40 31.99
N ALA A 144 2.73 -34.72 31.29
CA ALA A 144 2.74 -35.78 30.27
C ALA A 144 3.65 -36.87 30.81
N VAL A 145 3.78 -37.98 30.10
CA VAL A 145 4.56 -39.10 30.63
C VAL A 145 4.65 -40.31 29.69
N ARG A 146 5.59 -41.21 29.97
CA ARG A 146 5.63 -42.49 29.27
C ARG A 146 6.63 -43.52 29.83
N GLU A 147 6.66 -44.69 29.19
CA GLU A 147 7.53 -45.79 29.58
C GLU A 147 7.37 -46.96 28.62
N ASN A 161 14.34 -50.57 50.79
CA ASN A 161 14.38 -50.17 49.39
C ASN A 161 13.89 -51.28 48.47
N LYS A 162 14.81 -52.17 48.07
CA LYS A 162 14.56 -53.21 47.07
C LYS A 162 14.21 -52.67 45.68
N ASN A 163 15.16 -51.99 45.04
CA ASN A 163 14.93 -51.41 43.70
C ASN A 163 16.04 -51.67 42.70
N LYS A 164 15.93 -51.03 41.53
CA LYS A 164 16.78 -51.37 40.38
C LYS A 164 17.76 -50.28 39.96
N CYS A 165 19.06 -50.60 39.91
CA CYS A 165 19.71 -51.77 40.50
C CYS A 165 19.22 -53.22 40.21
N ASP A 166 19.31 -53.65 38.95
CA ASP A 166 19.24 -55.07 38.60
C ASP A 166 20.55 -55.42 37.91
N ILE A 167 21.05 -56.64 38.09
CA ILE A 167 22.24 -57.06 37.34
C ILE A 167 22.04 -58.42 36.70
N ALA A 168 22.35 -58.54 35.41
CA ALA A 168 22.13 -59.80 34.71
C ALA A 168 22.40 -59.66 33.23
N ASP A 169 22.48 -60.79 32.54
CA ASP A 169 22.11 -60.90 31.14
C ASP A 169 21.90 -62.38 30.93
N LEU A 170 21.08 -62.74 29.96
CA LEU A 170 21.00 -64.14 29.56
C LEU A 170 20.60 -64.22 28.09
N LYS A 171 21.15 -65.19 27.37
CA LYS A 171 21.16 -65.13 25.91
C LYS A 171 19.94 -65.69 25.15
N MET A 172 18.91 -66.14 25.85
CA MET A 172 17.95 -67.09 25.29
C MET A 172 17.44 -66.77 23.87
N ALA A 173 16.52 -65.81 23.73
CA ALA A 173 16.04 -65.41 22.41
C ALA A 173 15.93 -63.89 22.38
N VAL A 174 16.76 -63.25 21.56
CA VAL A 174 16.94 -61.82 21.71
C VAL A 174 16.18 -60.99 20.67
N SER A 175 15.62 -59.87 21.12
CA SER A 175 14.89 -58.94 20.25
C SER A 175 15.24 -57.47 20.60
N PHE A 176 14.70 -56.51 19.85
CA PHE A 176 14.92 -55.09 20.15
C PHE A 176 14.14 -54.70 21.40
N SER A 177 14.87 -54.23 22.40
CA SER A 177 14.26 -53.82 23.65
C SER A 177 15.39 -53.54 24.63
N GLN A 178 15.08 -52.96 25.78
CA GLN A 178 16.08 -52.49 26.76
C GLN A 178 17.06 -51.48 26.16
N PHE A 179 16.72 -50.96 24.99
CA PHE A 179 17.03 -49.59 24.62
C PHE A 179 15.79 -49.17 23.87
N ASN A 180 15.07 -48.20 24.39
CA ASN A 180 14.00 -47.60 23.64
C ASN A 180 14.65 -46.40 23.01
N ARG A 181 15.95 -46.31 23.26
CA ARG A 181 16.85 -45.32 22.66
C ARG A 181 16.26 -43.93 22.77
N ARG A 182 15.47 -43.71 23.82
CA ARG A 182 14.70 -42.49 23.99
C ARG A 182 15.25 -41.72 25.18
N PHE A 183 15.21 -42.37 26.33
CA PHE A 183 15.82 -41.84 27.53
C PHE A 183 17.32 -41.72 27.33
N LEU A 184 17.90 -42.76 26.74
CA LEU A 184 19.35 -42.87 26.65
C LEU A 184 19.92 -41.52 26.17
N ASN A 185 19.32 -40.90 25.14
CA ASN A 185 19.81 -39.61 24.65
C ASN A 185 19.57 -38.49 25.65
N VAL A 186 18.39 -38.51 26.28
CA VAL A 186 17.94 -37.42 27.11
C VAL A 186 19.03 -36.95 28.07
N VAL A 187 19.79 -37.91 28.63
CA VAL A 187 20.92 -37.56 29.48
C VAL A 187 22.01 -36.84 28.68
N ARG A 188 22.51 -37.49 27.63
CA ARG A 188 23.63 -36.93 26.86
C ARG A 188 23.28 -35.51 26.41
N GLN A 189 21.98 -35.22 26.33
CA GLN A 189 21.52 -33.88 26.03
C GLN A 189 21.64 -33.04 27.29
N PHE A 190 21.13 -33.58 28.38
CA PHE A 190 21.10 -32.92 29.68
C PHE A 190 22.50 -32.78 30.29
N SER A 191 23.24 -33.87 30.30
CA SER A 191 24.58 -33.89 30.88
C SER A 191 25.62 -33.03 30.13
N ASP A 192 25.75 -33.22 28.81
CA ASP A 192 26.71 -32.46 28.02
C ASP A 192 26.51 -30.93 28.14
N ASN A 193 25.26 -30.48 28.32
CA ASN A 193 24.94 -29.05 28.56
C ASN A 193 24.76 -28.69 30.04
N ALA A 194 24.94 -29.68 30.92
CA ALA A 194 24.70 -29.54 32.36
C ALA A 194 23.28 -29.19 32.78
N GLY A 195 22.32 -30.06 32.43
CA GLY A 195 20.97 -29.95 32.93
C GLY A 195 20.09 -28.93 32.24
N ILE A 196 20.68 -28.02 31.48
CA ILE A 196 19.90 -27.02 30.74
C ILE A 196 20.04 -27.18 29.21
N THR A 197 18.98 -27.66 28.59
CA THR A 197 19.00 -28.04 27.17
C THR A 197 18.60 -26.82 26.34
N PRO A 198 19.53 -26.33 25.50
CA PRO A 198 19.40 -25.06 24.77
C PRO A 198 18.23 -25.05 23.79
N ALA A 199 17.77 -26.22 23.39
CA ALA A 199 16.61 -26.33 22.50
C ALA A 199 15.87 -27.64 22.72
N ILE A 200 14.61 -27.69 22.30
CA ILE A 200 13.81 -28.90 22.45
C ILE A 200 14.11 -29.95 21.38
N SER A 201 14.56 -31.11 21.83
CA SER A 201 14.87 -32.26 20.99
C SER A 201 13.62 -32.92 20.41
N LEU A 202 13.79 -33.76 19.38
CA LEU A 202 12.67 -34.59 18.92
C LEU A 202 12.28 -35.60 20.01
N ASP A 203 13.28 -36.26 20.60
CA ASP A 203 13.07 -37.29 21.63
C ASP A 203 12.89 -36.74 23.07
N LEU A 204 13.08 -35.43 23.24
CA LEU A 204 12.83 -34.77 24.52
C LEU A 204 11.34 -34.47 24.70
N MET A 205 10.72 -33.92 23.64
CA MET A 205 9.26 -33.81 23.53
C MET A 205 8.84 -34.37 22.18
N THR A 206 8.10 -35.48 22.19
CA THR A 206 7.77 -36.20 20.94
C THR A 206 7.05 -35.28 19.98
N ASP A 207 7.15 -35.56 18.68
CA ASP A 207 6.54 -34.66 17.71
C ASP A 207 5.06 -34.40 18.01
N ALA A 208 4.30 -35.46 18.30
CA ALA A 208 2.89 -35.32 18.63
C ALA A 208 2.68 -34.87 20.08
N GLU A 209 3.66 -35.20 20.93
CA GLU A 209 3.63 -34.76 22.32
C GLU A 209 3.79 -33.26 22.38
N LEU A 210 4.55 -32.72 21.43
CA LEU A 210 4.68 -31.27 21.26
C LEU A 210 3.53 -30.66 20.46
N ALA A 211 3.10 -31.36 19.40
CA ALA A 211 1.93 -30.97 18.62
C ALA A 211 0.66 -30.80 19.47
N ARG A 212 0.24 -31.87 20.15
CA ARG A 212 -0.92 -31.79 21.04
C ARG A 212 -0.74 -30.67 22.07
N ALA A 213 0.43 -30.63 22.70
CA ALA A 213 0.74 -29.63 23.73
C ALA A 213 0.65 -28.19 23.24
N VAL A 214 0.69 -28.01 21.92
CA VAL A 214 0.38 -26.73 21.28
C VAL A 214 -1.11 -26.47 21.40
N SER A 215 -1.91 -27.47 21.05
CA SER A 215 -3.36 -27.34 21.03
C SER A 215 -3.90 -26.80 22.36
N TYR A 216 -3.12 -26.94 23.44
CA TYR A 216 -3.60 -26.50 24.75
C TYR A 216 -3.15 -25.08 25.14
N MET A 217 -2.36 -24.43 24.29
CA MET A 217 -1.79 -23.11 24.60
C MET A 217 -2.82 -21.96 24.69
N PRO A 218 -2.60 -21.01 25.62
CA PRO A 218 -3.54 -19.94 25.96
C PRO A 218 -3.49 -18.67 25.10
N THR A 219 -3.73 -18.75 23.80
CA THR A 219 -3.99 -17.54 22.99
C THR A 219 -5.22 -17.63 22.10
N SER A 220 -5.15 -18.49 21.09
CA SER A 220 -6.22 -18.57 20.10
C SER A 220 -6.09 -19.81 19.22
N ALA A 221 -6.92 -19.88 18.18
CA ALA A 221 -6.78 -20.88 17.14
C ALA A 221 -6.01 -20.34 15.93
N GLY A 222 -5.68 -19.04 15.96
CA GLY A 222 -4.94 -18.44 14.87
C GLY A 222 -3.46 -18.77 14.89
N GLN A 223 -2.83 -18.63 16.05
CA GLN A 223 -1.39 -18.89 16.20
C GLN A 223 -1.13 -20.38 16.19
N ILE A 224 -2.16 -21.17 16.51
CA ILE A 224 -2.04 -22.64 16.51
C ILE A 224 -1.75 -23.16 15.11
N LYS A 225 -2.56 -22.74 14.14
CA LYS A 225 -2.35 -23.14 12.76
C LYS A 225 -0.95 -22.75 12.27
N LEU A 226 -0.36 -21.73 12.91
CA LEU A 226 1.02 -21.32 12.62
C LEU A 226 2.03 -22.11 13.43
N MET A 227 1.97 -21.95 14.75
CA MET A 227 2.90 -22.63 15.65
C MET A 227 3.04 -24.11 15.32
N LEU A 228 1.94 -24.77 14.93
CA LEU A 228 2.02 -26.12 14.35
C LEU A 228 2.78 -26.17 12.98
N GLU A 229 2.44 -25.28 12.06
CA GLU A 229 3.09 -25.22 10.75
C GLU A 229 4.55 -24.73 10.82
N ASN A 230 4.88 -23.99 11.86
CA ASN A 230 6.21 -23.42 12.13
C ASN A 230 7.07 -24.26 13.08
N ARG A 231 6.60 -25.46 13.44
CA ARG A 231 7.00 -26.11 14.70
C ARG A 231 8.49 -26.03 15.03
N ALA A 232 9.36 -26.22 14.04
CA ALA A 232 10.79 -26.25 14.29
C ALA A 232 11.29 -24.96 14.92
N MET A 233 10.72 -23.82 14.52
CA MET A 233 11.16 -22.50 15.06
C MET A 233 10.71 -22.30 16.51
N VAL A 234 9.88 -23.21 17.03
CA VAL A 234 9.59 -23.27 18.47
C VAL A 234 10.76 -23.90 19.23
N ARG A 235 11.14 -25.08 18.77
CA ARG A 235 12.16 -25.87 19.42
C ARG A 235 13.48 -25.11 19.49
N ARG A 236 13.84 -24.39 18.43
CA ARG A 236 15.10 -23.64 18.45
C ARG A 236 14.97 -22.62 19.59
N LYS A 237 13.74 -22.20 19.84
CA LYS A 237 13.46 -21.08 20.75
C LYS A 237 13.14 -21.50 22.18
N GLY A 238 13.13 -22.82 22.41
CA GLY A 238 12.76 -23.35 23.71
C GLY A 238 13.89 -23.58 24.71
N PHE A 239 13.50 -23.91 25.94
CA PHE A 239 14.42 -24.19 27.03
C PHE A 239 13.86 -25.44 27.66
N GLY A 240 14.71 -26.23 28.31
CA GLY A 240 14.23 -27.37 29.10
C GLY A 240 15.13 -27.70 30.26
N ILE A 241 14.56 -28.25 31.33
CA ILE A 241 15.32 -28.50 32.55
C ILE A 241 14.84 -29.75 33.33
N LEU A 242 15.72 -30.35 34.12
CA LEU A 242 15.41 -31.61 34.79
C LEU A 242 14.85 -31.35 36.18
N ILE A 243 13.55 -31.62 36.35
CA ILE A 243 12.92 -31.49 37.66
C ILE A 243 13.54 -32.49 38.62
N GLY A 244 13.44 -33.77 38.29
CA GLY A 244 13.96 -34.80 39.17
C GLY A 244 14.37 -36.10 38.52
N VAL A 245 15.03 -36.93 39.32
CA VAL A 245 15.44 -38.26 38.91
C VAL A 245 14.98 -39.26 39.98
N TYR A 246 15.56 -39.16 41.17
CA TYR A 246 15.37 -40.13 42.25
C TYR A 246 15.71 -41.52 41.70
N GLY A 247 14.97 -42.57 42.05
CA GLY A 247 14.89 -43.73 41.19
C GLY A 247 13.53 -43.84 40.53
N SER A 248 12.57 -43.14 41.14
CA SER A 248 11.15 -43.34 40.88
C SER A 248 10.87 -43.17 39.40
N SER A 249 11.19 -41.98 38.93
CA SER A 249 11.11 -41.69 37.51
C SER A 249 11.98 -40.45 37.23
N VAL A 250 12.34 -40.23 35.98
CA VAL A 250 13.08 -39.03 35.61
C VAL A 250 12.11 -37.90 35.30
N ILE A 251 12.13 -36.84 36.11
CA ILE A 251 11.21 -35.72 35.93
C ILE A 251 11.95 -34.50 35.40
N TYR A 252 11.57 -34.07 34.19
CA TYR A 252 12.13 -32.88 33.56
C TYR A 252 11.00 -31.96 33.09
N MET A 253 11.34 -30.69 32.90
CA MET A 253 10.36 -29.68 32.56
C MET A 253 10.69 -29.15 31.16
N VAL A 254 9.70 -29.17 30.27
CA VAL A 254 9.86 -28.54 28.96
C VAL A 254 9.13 -27.22 29.00
N GLN A 255 9.87 -26.13 28.79
CA GLN A 255 9.23 -24.83 28.63
C GLN A 255 9.14 -24.58 27.15
N LEU A 256 8.00 -24.09 26.69
CA LEU A 256 7.86 -23.76 25.28
C LEU A 256 7.61 -22.27 25.16
N PRO A 257 8.03 -21.69 24.04
CA PRO A 257 7.58 -20.31 23.76
C PRO A 257 6.14 -20.35 23.31
N ILE A 258 5.38 -19.30 23.59
CA ILE A 258 4.05 -19.14 23.00
C ILE A 258 3.96 -17.75 22.43
N PHE A 259 3.55 -17.68 21.18
CA PHE A 259 3.45 -16.41 20.50
C PHE A 259 2.01 -15.90 20.55
N GLY A 260 1.80 -14.77 21.24
CA GLY A 260 0.49 -14.17 21.33
C GLY A 260 0.06 -13.47 20.07
N VAL A 261 0.92 -12.59 19.54
CA VAL A 261 0.60 -11.88 18.31
C VAL A 261 1.18 -12.57 17.06
N ILE A 262 0.29 -13.09 16.21
CA ILE A 262 0.65 -13.90 15.04
C ILE A 262 1.08 -13.06 13.83
N ASP A 263 0.17 -12.31 13.22
CA ASP A 263 0.55 -11.48 12.07
C ASP A 263 0.52 -10.00 12.44
N THR A 264 1.68 -9.37 12.42
CA THR A 264 1.81 -7.95 12.76
C THR A 264 2.76 -7.28 11.79
N PRO A 265 2.55 -5.98 11.52
CA PRO A 265 3.37 -5.16 10.62
C PRO A 265 4.73 -4.77 11.19
N CYS A 266 5.76 -5.60 10.98
CA CYS A 266 7.14 -5.31 11.41
C CYS A 266 8.10 -5.14 10.23
N TRP A 267 9.17 -4.38 10.46
CA TRP A 267 10.05 -3.91 9.39
C TRP A 267 11.44 -3.61 9.94
N ILE A 268 12.47 -3.61 9.09
CA ILE A 268 13.86 -3.51 9.60
C ILE A 268 14.78 -2.52 8.93
N ILE A 269 15.38 -1.63 9.71
CA ILE A 269 16.31 -0.63 9.20
C ILE A 269 17.78 -1.06 9.28
N LYS A 270 18.55 -0.84 8.21
CA LYS A 270 20.00 -1.08 8.17
C LYS A 270 20.74 0.21 7.84
N ALA A 271 21.84 0.48 8.54
CA ALA A 271 22.47 1.77 8.41
C ALA A 271 23.93 1.71 8.00
N ALA A 272 24.42 2.78 7.39
CA ALA A 272 25.85 2.95 7.15
C ALA A 272 26.20 4.42 7.34
N PRO A 273 27.50 4.73 7.50
CA PRO A 273 27.98 6.09 7.74
C PRO A 273 27.71 7.04 6.59
N SER A 274 27.00 8.13 6.86
CA SER A 274 26.73 9.14 5.84
C SER A 274 27.61 10.32 6.09
N CYS A 275 28.64 10.47 5.28
CA CYS A 275 29.61 11.51 5.52
C CYS A 275 29.55 12.46 4.33
N SER A 276 30.07 13.66 4.49
CA SER A 276 29.75 14.68 3.50
C SER A 276 30.94 15.57 3.20
N GLU A 277 30.64 16.64 2.49
CA GLU A 277 31.32 17.91 2.72
C GLU A 277 32.83 17.78 2.73
N LYS A 278 33.45 17.62 1.57
CA LYS A 278 34.89 17.74 1.57
C LYS A 278 35.34 19.10 1.05
N ASP A 279 35.80 19.96 1.96
CA ASP A 279 36.76 21.01 1.59
C ASP A 279 38.16 20.54 1.93
N GLY A 280 38.30 19.28 2.33
CA GLY A 280 39.54 18.77 2.87
C GLY A 280 39.33 18.57 4.34
N ASN A 281 38.08 18.73 4.76
CA ASN A 281 37.64 18.17 6.02
C ASN A 281 36.49 17.21 5.74
N TYR A 282 36.02 16.52 6.77
CA TYR A 282 34.89 15.61 6.58
C TYR A 282 33.89 15.85 7.70
N ALA A 283 32.64 16.05 7.31
CA ALA A 283 31.53 16.10 8.27
C ALA A 283 30.64 14.88 8.09
N CYS A 284 30.62 13.98 9.08
CA CYS A 284 29.98 12.65 8.94
C CYS A 284 28.93 12.31 10.01
N LEU A 285 28.06 11.35 9.68
CA LEU A 285 26.93 10.97 10.53
C LEU A 285 26.53 9.50 10.35
N LEU A 286 25.83 8.93 11.31
CA LEU A 286 25.49 7.51 11.26
C LEU A 286 24.17 7.31 11.95
N ARG A 287 23.30 6.45 11.47
CA ARG A 287 22.11 6.18 12.27
C ARG A 287 22.41 5.21 13.41
N GLU A 288 21.93 5.46 14.61
CA GLU A 288 22.06 4.47 15.66
C GLU A 288 20.77 3.64 15.83
N ASP A 289 19.80 3.86 14.94
CA ASP A 289 18.42 3.37 15.12
C ASP A 289 18.15 1.87 14.88
N GLN A 290 19.06 1.16 14.25
CA GLN A 290 18.71 -0.15 13.72
C GLN A 290 18.76 -1.22 14.80
N GLY A 291 18.43 -2.45 14.45
CA GLY A 291 17.86 -2.74 13.15
C GLY A 291 16.39 -3.07 13.09
N TRP A 292 15.77 -3.44 14.21
CA TRP A 292 14.43 -4.01 14.14
C TRP A 292 13.36 -3.21 14.84
N TYR A 293 12.15 -3.29 14.30
CA TYR A 293 10.97 -2.76 14.94
C TYR A 293 9.72 -3.48 14.50
N CYS A 294 8.74 -3.45 15.41
CA CYS A 294 7.47 -4.09 15.24
C CYS A 294 6.46 -3.33 16.09
N LYS A 295 5.21 -3.25 15.66
CA LYS A 295 4.20 -2.70 16.56
C LYS A 295 2.94 -3.53 16.62
N ASN A 296 2.66 -4.15 17.76
CA ASN A 296 1.42 -4.90 17.90
C ASN A 296 0.21 -4.05 18.29
N ALA A 297 0.41 -3.25 19.35
CA ALA A 297 -0.69 -2.72 20.19
C ALA A 297 -1.70 -1.70 19.58
N GLY A 298 -1.24 -0.86 18.67
CA GLY A 298 0.18 -0.76 18.44
C GLY A 298 0.85 0.22 19.35
N SER A 299 2.08 -0.10 19.72
CA SER A 299 3.03 0.85 20.23
C SER A 299 4.23 0.28 19.57
N THR A 300 5.20 1.10 19.23
CA THR A 300 6.27 0.55 18.43
C THR A 300 7.41 0.04 19.32
N VAL A 301 7.60 -1.27 19.31
CA VAL A 301 8.62 -1.87 20.14
C VAL A 301 9.87 -2.22 19.30
N TYR A 302 11.03 -1.74 19.73
CA TYR A 302 12.26 -1.85 18.95
C TYR A 302 13.21 -2.89 19.57
N TYR A 303 13.87 -3.71 18.73
CA TYR A 303 14.63 -4.89 19.17
C TYR A 303 16.12 -4.82 18.84
N PRO A 304 16.90 -4.17 19.71
CA PRO A 304 18.29 -3.79 19.47
C PRO A 304 19.28 -4.96 19.53
N ASN A 305 18.89 -6.09 20.14
CA ASN A 305 19.76 -7.26 20.21
C ASN A 305 20.12 -7.75 18.82
N ASP A 306 21.39 -8.02 18.57
CA ASP A 306 21.76 -8.58 17.29
C ASP A 306 20.96 -9.87 17.10
N LYS A 307 20.91 -10.67 18.17
CA LYS A 307 20.02 -11.83 18.32
C LYS A 307 18.62 -11.34 18.74
N ASP A 308 17.75 -12.25 19.19
CA ASP A 308 16.38 -11.91 19.61
C ASP A 308 15.39 -11.71 18.45
N CYS A 309 15.90 -11.63 17.23
CA CYS A 309 15.06 -11.60 16.03
C CYS A 309 15.57 -12.51 14.90
N GLU A 310 14.72 -13.41 14.42
CA GLU A 310 15.13 -14.33 13.35
C GLU A 310 14.08 -14.46 12.26
N THR A 311 14.53 -14.61 11.02
CA THR A 311 13.64 -14.67 9.88
C THR A 311 13.41 -16.10 9.41
N ARG A 312 12.16 -16.48 9.21
CA ARG A 312 11.87 -17.62 8.34
C ARG A 312 10.96 -17.07 7.26
N GLY A 313 11.42 -17.01 6.02
CA GLY A 313 10.60 -16.47 4.95
C GLY A 313 10.12 -15.06 5.21
N ASP A 314 8.80 -14.87 5.20
CA ASP A 314 8.20 -13.56 5.40
C ASP A 314 8.16 -13.17 6.89
N HIS A 315 7.84 -14.16 7.73
CA HIS A 315 7.64 -13.98 9.16
C HIS A 315 8.90 -13.69 9.94
N VAL A 316 8.78 -12.88 10.98
CA VAL A 316 9.92 -12.53 11.84
C VAL A 316 9.70 -12.93 13.29
N PHE A 317 10.43 -13.92 13.79
CA PHE A 317 10.22 -14.30 15.17
C PHE A 317 11.08 -13.46 16.11
N CYS A 318 10.43 -12.69 16.97
CA CYS A 318 11.12 -11.83 17.92
C CYS A 318 10.76 -12.11 19.37
N ASP A 319 11.66 -11.78 20.30
CA ASP A 319 11.41 -12.05 21.73
C ASP A 319 10.85 -10.82 22.45
N THR A 320 9.60 -10.91 22.88
CA THR A 320 8.92 -9.76 23.49
C THR A 320 9.62 -9.29 24.77
N ALA A 321 10.38 -10.19 25.40
CA ALA A 321 11.11 -9.83 26.60
C ALA A 321 12.27 -8.91 26.26
N ALA A 322 12.50 -8.71 24.97
CA ALA A 322 13.39 -7.63 24.58
C ALA A 322 12.54 -6.39 24.34
N GLY A 323 13.20 -5.27 24.11
CA GLY A 323 12.53 -3.99 24.06
C GLY A 323 13.65 -3.06 23.67
N ILE A 324 13.39 -1.77 23.62
CA ILE A 324 12.29 -1.13 24.32
C ILE A 324 11.08 -0.78 23.43
N ASN A 325 10.10 -0.11 24.05
CA ASN A 325 9.04 0.69 23.39
C ASN A 325 9.59 2.05 22.97
N VAL A 326 9.19 2.60 21.82
CA VAL A 326 9.27 4.05 21.64
C VAL A 326 7.98 4.62 21.02
N ALA A 327 7.91 5.93 20.79
CA ALA A 327 6.63 6.48 20.40
C ALA A 327 6.42 6.19 18.92
N GLU A 328 5.25 6.50 18.40
CA GLU A 328 4.99 6.32 17.00
C GLU A 328 5.39 7.59 16.29
N GLN A 329 5.92 8.53 17.08
CA GLN A 329 6.60 9.69 16.53
C GLN A 329 8.07 9.33 16.29
N SER A 330 8.39 8.05 16.45
CA SER A 330 9.65 7.51 15.96
C SER A 330 9.71 7.60 14.44
N ARG A 331 8.55 7.42 13.81
CA ARG A 331 8.46 7.28 12.36
C ARG A 331 9.22 8.38 11.63
N GLU A 332 9.05 9.61 12.08
CA GLU A 332 9.62 10.78 11.43
C GLU A 332 11.08 10.58 11.06
N CYS A 333 11.82 9.91 11.95
CA CYS A 333 13.28 9.84 11.82
C CYS A 333 13.72 9.38 10.43
N ASN A 334 12.86 8.61 9.76
CA ASN A 334 13.11 8.05 8.43
C ASN A 334 13.11 9.14 7.39
N ILE A 335 12.11 10.01 7.49
CA ILE A 335 11.80 10.97 6.43
C ILE A 335 12.69 12.22 6.35
N ASN A 336 12.65 13.09 7.35
CA ASN A 336 13.71 14.08 7.46
C ASN A 336 14.53 13.52 8.60
N ILE A 337 15.84 13.47 8.46
CA ILE A 337 16.65 12.94 9.56
C ILE A 337 16.98 14.06 10.55
N SER A 338 16.94 15.28 10.06
CA SER A 338 17.35 16.46 10.82
C SER A 338 16.18 17.06 11.62
N THR A 339 15.08 16.33 11.76
CA THR A 339 13.86 16.85 12.42
C THR A 339 14.02 17.34 13.84
N THR A 340 13.73 18.63 14.08
CA THR A 340 13.60 19.17 15.43
C THR A 340 12.46 18.48 16.15
N ASN A 341 11.54 17.88 15.41
CA ASN A 341 10.35 17.28 16.01
C ASN A 341 10.62 16.17 17.05
N TYR A 342 11.31 15.12 16.62
CA TYR A 342 11.69 14.04 17.53
C TYR A 342 13.17 13.74 17.36
N PRO A 343 14.04 14.42 18.13
CA PRO A 343 15.45 14.24 17.77
C PRO A 343 15.81 12.76 17.71
N CYS A 344 16.38 12.40 16.57
CA CYS A 344 16.64 11.02 16.20
C CYS A 344 17.90 10.47 16.84
N LYS A 345 18.00 9.16 16.95
CA LYS A 345 19.17 8.59 17.60
C LYS A 345 20.25 8.36 16.53
N VAL A 346 21.31 9.15 16.60
CA VAL A 346 22.38 9.16 15.59
C VAL A 346 23.76 9.25 16.24
N SER A 347 24.78 9.36 15.40
CA SER A 347 26.16 9.48 15.83
C SER A 347 26.86 10.54 14.97
N THR A 348 27.76 11.31 15.55
CA THR A 348 28.49 12.29 14.75
C THR A 348 29.97 12.00 14.76
N GLY A 349 30.65 12.47 13.74
CA GLY A 349 32.09 12.38 13.71
C GLY A 349 32.65 13.23 12.60
N ARG A 350 33.89 13.66 12.78
CA ARG A 350 34.67 14.25 11.70
C ARG A 350 35.48 13.10 11.12
N HIS A 351 35.33 11.95 11.77
CA HIS A 351 35.94 10.68 11.39
C HIS A 351 34.93 9.81 10.65
N PRO A 352 35.11 9.70 9.31
CA PRO A 352 34.41 8.76 8.42
C PRO A 352 35.00 7.37 8.54
N ILE A 353 34.17 6.33 8.58
CA ILE A 353 34.73 5.00 8.43
C ILE A 353 34.17 4.31 7.21
N SER A 354 35.03 4.06 6.22
CA SER A 354 34.57 3.42 5.00
C SER A 354 34.17 2.00 5.34
N MET A 355 32.92 1.64 5.09
CA MET A 355 32.45 0.30 5.43
C MET A 355 31.31 -0.14 4.55
N VAL A 356 30.92 -1.40 4.68
CA VAL A 356 29.78 -1.96 3.95
C VAL A 356 28.69 -2.47 4.91
N ALA A 357 27.44 -2.35 4.49
CA ALA A 357 26.33 -2.80 5.31
C ALA A 357 25.24 -3.46 4.49
N LEU A 358 24.93 -4.69 4.83
CA LEU A 358 24.06 -5.50 4.00
C LEU A 358 22.58 -5.42 4.35
N SER A 359 21.74 -5.54 3.33
CA SER A 359 20.31 -5.44 3.50
C SER A 359 19.65 -6.76 3.19
N PRO A 360 18.35 -6.81 3.42
CA PRO A 360 17.62 -8.02 3.06
C PRO A 360 17.64 -8.26 1.53
N LEU A 361 17.68 -7.20 0.75
CA LEU A 361 17.60 -7.31 -0.71
C LEU A 361 18.90 -6.84 -1.39
N GLY A 362 19.26 -5.59 -1.18
CA GLY A 362 20.57 -5.11 -1.58
C GLY A 362 21.51 -4.87 -0.41
N ALA A 363 22.46 -3.98 -0.62
CA ALA A 363 23.54 -3.72 0.31
C ALA A 363 23.97 -2.27 0.19
N LEU A 364 24.36 -1.63 1.29
CA LEU A 364 24.84 -0.25 1.27
C LEU A 364 26.33 -0.19 1.27
N VAL A 365 26.90 0.80 0.59
CA VAL A 365 28.35 0.92 0.53
C VAL A 365 28.79 2.32 0.86
N ALA A 366 29.72 2.46 1.80
CA ALA A 366 30.27 3.78 2.04
C ALA A 366 31.77 3.83 1.84
N CYS A 367 32.22 4.38 0.71
CA CYS A 367 33.64 4.49 0.41
C CYS A 367 34.16 5.87 0.73
N TYR A 368 35.00 5.98 1.75
CA TYR A 368 35.59 7.28 2.08
C TYR A 368 37.13 7.31 2.17
N LYS A 369 37.65 8.49 2.51
CA LYS A 369 39.08 8.74 2.60
C LYS A 369 39.75 8.36 1.30
N GLY A 370 40.91 7.73 1.42
CA GLY A 370 41.69 7.37 0.24
C GLY A 370 41.44 5.97 -0.26
N VAL A 371 40.36 5.35 0.21
CA VAL A 371 40.12 3.93 -0.10
C VAL A 371 39.53 3.67 -1.49
N SER A 372 39.32 2.39 -1.83
CA SER A 372 38.87 1.98 -3.16
C SER A 372 37.77 0.91 -3.16
N CYS A 373 36.57 1.24 -3.64
CA CYS A 373 35.48 0.26 -3.59
C CYS A 373 34.81 0.01 -4.96
N SER A 374 34.33 -1.21 -5.16
CA SER A 374 33.76 -1.65 -6.44
C SER A 374 32.82 -2.83 -6.25
N ILE A 375 32.17 -3.25 -7.34
CA ILE A 375 31.27 -4.40 -7.26
C ILE A 375 31.66 -5.48 -8.24
N GLY A 376 30.79 -6.45 -8.41
CA GLY A 376 31.07 -7.52 -9.34
C GLY A 376 30.01 -8.60 -9.38
N SER A 377 30.16 -9.51 -10.33
CA SER A 377 29.19 -10.56 -10.52
C SER A 377 29.89 -11.88 -10.35
N ASN A 378 29.15 -12.94 -10.56
CA ASN A 378 29.73 -14.27 -10.52
C ASN A 378 30.44 -14.58 -11.83
N ARG A 379 30.03 -13.92 -12.91
CA ARG A 379 30.69 -14.11 -14.21
C ARG A 379 31.69 -13.03 -14.61
N VAL A 380 31.78 -11.95 -13.84
CA VAL A 380 32.87 -10.96 -13.97
C VAL A 380 33.16 -10.41 -12.59
N GLY A 381 34.43 -10.18 -12.24
CA GLY A 381 34.76 -9.86 -10.86
C GLY A 381 34.71 -8.40 -10.53
N ILE A 382 34.97 -7.58 -11.54
CA ILE A 382 34.89 -6.14 -11.43
C ILE A 382 34.12 -5.58 -12.62
N ILE A 383 33.00 -4.93 -12.33
CA ILE A 383 32.05 -4.49 -13.32
C ILE A 383 31.89 -2.98 -13.25
N LYS A 384 31.50 -2.47 -12.08
CA LYS A 384 31.53 -1.03 -11.83
C LYS A 384 32.48 -0.73 -10.66
N GLN A 385 33.17 0.40 -10.76
CA GLN A 385 33.99 0.90 -9.64
C GLN A 385 33.29 2.09 -9.01
N LEU A 386 32.82 1.94 -7.77
CA LEU A 386 31.92 2.92 -7.13
C LEU A 386 32.53 4.28 -6.79
N PRO A 387 31.67 5.31 -6.69
CA PRO A 387 31.98 6.69 -6.34
C PRO A 387 32.40 6.78 -4.90
N LYS A 388 33.05 7.85 -4.46
CA LYS A 388 33.33 7.96 -3.04
C LYS A 388 32.21 8.73 -2.38
N GLY A 389 31.42 8.04 -1.59
CA GLY A 389 30.24 8.60 -0.96
C GLY A 389 29.39 7.43 -0.53
N CYS A 390 28.13 7.67 -0.16
CA CYS A 390 27.21 6.57 0.09
C CYS A 390 26.53 6.14 -1.20
N SER A 391 26.39 4.84 -1.38
CA SER A 391 25.89 4.29 -2.62
C SER A 391 25.08 3.00 -2.34
N TYR A 392 23.96 2.76 -3.00
CA TYR A 392 23.15 1.59 -2.68
C TYR A 392 23.14 0.69 -3.87
N ILE A 393 23.21 -0.62 -3.64
CA ILE A 393 23.32 -1.57 -4.74
C ILE A 393 22.38 -2.73 -4.55
N THR A 394 21.46 -2.95 -5.47
CA THR A 394 20.55 -4.07 -5.27
C THR A 394 21.14 -5.38 -5.75
N ASN A 395 20.45 -6.47 -5.50
CA ASN A 395 21.02 -7.76 -5.89
C ASN A 395 20.85 -8.14 -7.37
N GLN A 396 20.20 -7.27 -8.14
CA GLN A 396 20.18 -7.38 -9.59
C GLN A 396 21.44 -6.79 -10.17
N ASP A 397 21.92 -5.71 -9.54
CA ASP A 397 23.09 -4.93 -9.96
C ASP A 397 24.48 -5.61 -9.73
N ALA A 398 24.60 -6.39 -8.66
CA ALA A 398 25.86 -7.04 -8.37
C ALA A 398 25.71 -8.26 -7.47
N ASP A 399 26.83 -8.95 -7.25
CA ASP A 399 26.91 -10.06 -6.32
C ASP A 399 28.08 -9.80 -5.39
N THR A 400 29.28 -9.88 -5.90
CA THR A 400 30.46 -9.43 -5.18
C THR A 400 30.33 -7.95 -4.87
N VAL A 401 30.78 -7.52 -3.69
CA VAL A 401 31.09 -6.12 -3.49
C VAL A 401 32.49 -5.98 -2.87
N THR A 402 33.46 -5.49 -3.63
CA THR A 402 34.85 -5.47 -3.14
C THR A 402 35.22 -4.12 -2.48
N ILE A 403 35.70 -4.18 -1.23
CA ILE A 403 35.81 -3.06 -0.26
C ILE A 403 37.16 -2.34 -0.05
N ASP A 404 38.17 -2.54 -0.91
CA ASP A 404 39.59 -2.67 -0.50
C ASP A 404 39.80 -4.01 0.15
N ASN A 405 39.70 -5.01 -0.71
CA ASN A 405 40.23 -6.36 -0.47
C ASN A 405 39.58 -7.22 0.65
N THR A 406 38.30 -6.96 0.98
CA THR A 406 37.41 -7.94 1.59
C THR A 406 36.22 -8.03 0.69
N VAL A 407 35.89 -9.23 0.20
CA VAL A 407 34.69 -9.35 -0.59
C VAL A 407 33.50 -9.65 0.27
N TYR A 408 32.46 -8.83 0.16
CA TYR A 408 31.18 -9.18 0.74
C TYR A 408 30.37 -9.78 -0.37
N GLN A 409 29.83 -10.98 -0.17
CA GLN A 409 28.98 -11.57 -1.18
C GLN A 409 27.54 -11.17 -0.83
N LEU A 410 26.78 -10.76 -1.85
CA LEU A 410 25.48 -10.14 -1.63
C LEU A 410 24.46 -11.21 -1.39
N SER A 411 23.91 -11.19 -0.17
CA SER A 411 23.09 -12.27 0.33
C SER A 411 21.66 -12.17 -0.13
N LYS A 412 20.89 -13.18 0.25
CA LYS A 412 19.46 -13.04 0.41
C LYS A 412 19.19 -12.78 1.90
N VAL A 413 20.24 -12.86 2.74
CA VAL A 413 20.08 -12.76 4.21
C VAL A 413 20.26 -11.36 4.83
N GLU A 414 19.47 -11.12 5.87
CA GLU A 414 19.24 -9.80 6.47
C GLU A 414 20.36 -9.37 7.41
N GLY A 415 20.11 -8.33 8.21
CA GLY A 415 21.07 -7.93 9.23
C GLY A 415 21.27 -8.98 10.31
N GLU B 1 -18.03 11.62 7.23
CA GLU B 1 -17.68 11.41 5.83
C GLU B 1 -16.49 12.29 5.42
N VAL B 2 -15.50 11.68 4.76
CA VAL B 2 -14.22 12.35 4.44
C VAL B 2 -14.06 12.83 3.00
N GLN B 3 -13.80 14.12 2.84
CA GLN B 3 -13.67 14.69 1.51
C GLN B 3 -12.81 15.95 1.47
N LEU B 4 -12.34 16.32 0.28
CA LEU B 4 -11.49 17.50 0.13
C LEU B 4 -12.09 18.46 -0.88
N LEU B 5 -11.81 19.75 -0.70
CA LEU B 5 -12.21 20.77 -1.67
C LEU B 5 -11.06 21.71 -1.88
N GLU B 6 -10.70 21.89 -3.16
CA GLU B 6 -9.63 22.81 -3.51
C GLU B 6 -10.18 24.17 -3.89
N SER B 7 -9.52 25.22 -3.42
CA SER B 7 -9.95 26.59 -3.63
C SER B 7 -9.32 27.18 -4.87
N GLY B 8 -10.15 27.59 -5.83
CA GLY B 8 -9.68 27.80 -7.17
C GLY B 8 -8.51 28.74 -7.37
N GLY B 9 -7.77 28.48 -8.43
CA GLY B 9 -6.93 29.48 -9.01
C GLY B 9 -7.66 30.40 -9.98
N GLY B 10 -8.52 29.90 -10.86
CA GLY B 10 -8.92 30.71 -12.02
C GLY B 10 -7.96 30.97 -13.20
N LEU B 11 -7.63 32.24 -13.48
CA LEU B 11 -6.69 32.64 -14.52
C LEU B 11 -5.57 33.49 -13.95
N VAL B 12 -4.31 33.13 -14.23
CA VAL B 12 -3.12 33.86 -13.77
C VAL B 12 -2.21 34.17 -14.95
N GLN B 13 -1.86 35.43 -15.17
CA GLN B 13 -0.99 35.75 -16.33
C GLN B 13 0.44 35.26 -16.15
N PRO B 14 1.07 34.77 -17.24
CA PRO B 14 2.42 34.19 -17.16
C PRO B 14 3.40 35.17 -16.52
N GLY B 15 4.42 34.66 -15.82
CA GLY B 15 5.30 35.49 -15.01
C GLY B 15 4.48 35.74 -13.76
N GLY B 16 3.50 34.88 -13.59
CA GLY B 16 2.48 35.09 -12.61
C GLY B 16 2.93 34.68 -11.25
N SER B 17 1.99 34.72 -10.33
CA SER B 17 2.06 34.06 -9.05
C SER B 17 0.60 33.87 -8.67
N ARG B 18 0.33 32.86 -7.84
CA ARG B 18 -1.02 32.63 -7.32
C ARG B 18 -0.90 31.62 -6.23
N ARG B 19 -1.96 31.38 -5.48
CA ARG B 19 -1.92 30.45 -4.34
C ARG B 19 -3.18 29.63 -4.19
N LEU B 20 -3.09 28.31 -4.24
CA LEU B 20 -4.31 27.53 -4.08
C LEU B 20 -4.61 27.20 -2.63
N SER B 21 -5.69 26.46 -2.41
CA SER B 21 -6.00 25.92 -1.10
C SER B 21 -6.82 24.68 -1.20
N CYS B 22 -6.61 23.79 -0.23
CA CYS B 22 -7.37 22.57 -0.03
C CYS B 22 -7.72 22.64 1.44
N ALA B 23 -8.99 22.50 1.78
CA ALA B 23 -9.34 22.30 3.21
C ALA B 23 -10.20 21.07 3.29
N ALA B 24 -10.00 20.24 4.30
CA ALA B 24 -10.67 18.97 4.26
C ALA B 24 -11.54 18.67 5.46
N SER B 25 -12.59 17.89 5.25
CA SER B 25 -13.50 17.56 6.33
C SER B 25 -13.41 16.08 6.69
N GLY B 26 -13.40 15.78 7.98
CA GLY B 26 -13.45 14.40 8.45
C GLY B 26 -12.14 13.89 9.02
N PHE B 27 -11.07 14.66 8.88
CA PHE B 27 -9.79 14.28 9.48
C PHE B 27 -8.89 15.49 9.66
N THR B 28 -7.88 15.39 10.53
CA THR B 28 -6.95 16.50 10.70
C THR B 28 -6.13 16.61 9.44
N VAL B 29 -5.13 17.49 9.46
CA VAL B 29 -4.22 17.59 8.33
C VAL B 29 -2.78 17.27 8.76
N SER B 30 -2.25 18.00 9.74
CA SER B 30 -0.96 17.69 10.36
C SER B 30 -0.92 16.25 10.89
N SER B 31 -2.10 15.66 11.05
CA SER B 31 -2.24 14.23 11.30
C SER B 31 -1.64 13.37 10.19
N SER B 32 -1.89 13.77 8.95
CA SER B 32 -1.64 12.92 7.80
C SER B 32 -0.60 13.49 6.83
N TYR B 33 -0.02 12.62 6.00
CA TYR B 33 0.84 13.05 4.89
C TYR B 33 -0.07 13.51 3.81
N MET B 34 0.20 14.66 3.21
CA MET B 34 -0.61 15.06 2.08
C MET B 34 0.20 15.64 0.91
N SER B 35 -0.45 15.74 -0.25
CA SER B 35 0.24 16.22 -1.41
C SER B 35 -0.69 16.72 -2.51
N TRP B 36 -0.06 17.29 -3.54
CA TRP B 36 -0.68 18.00 -4.65
C TRP B 36 -0.32 17.31 -5.96
N VAL B 37 -1.31 17.04 -6.80
CA VAL B 37 -1.14 16.29 -8.02
C VAL B 37 -1.91 17.03 -9.09
N ARG B 38 -1.29 17.43 -10.20
CA ARG B 38 -2.00 18.21 -11.21
C ARG B 38 -2.19 17.42 -12.47
N GLN B 39 -3.20 17.75 -13.25
CA GLN B 39 -3.48 17.06 -14.49
C GLN B 39 -3.95 18.01 -15.60
N THR B 40 -3.24 18.09 -16.71
CA THR B 40 -3.64 19.01 -17.78
C THR B 40 -4.69 18.35 -18.66
N PRO B 41 -5.81 19.04 -18.90
CA PRO B 41 -7.04 18.31 -19.22
C PRO B 41 -6.86 17.38 -20.38
N GLY B 42 -7.29 16.13 -20.23
CA GLY B 42 -7.20 15.15 -21.30
C GLY B 42 -5.94 14.32 -21.30
N LYS B 43 -4.92 14.84 -20.64
CA LYS B 43 -3.65 14.13 -20.47
C LYS B 43 -3.56 13.41 -19.12
N GLY B 44 -2.38 12.94 -18.77
CA GLY B 44 -2.24 12.13 -17.58
C GLY B 44 -1.78 12.91 -16.36
N LEU B 45 -1.71 12.19 -15.23
CA LEU B 45 -1.50 12.78 -13.91
C LEU B 45 -0.04 13.01 -13.64
N GLU B 46 0.24 14.09 -12.92
CA GLU B 46 1.61 14.48 -12.61
C GLU B 46 1.74 14.85 -11.16
N TRP B 47 2.52 14.13 -10.37
CA TRP B 47 2.67 14.54 -9.00
C TRP B 47 3.58 15.78 -9.05
N ILE B 48 3.12 16.91 -8.51
CA ILE B 48 3.98 18.10 -8.33
C ILE B 48 4.55 18.45 -6.95
N SER B 49 4.18 17.72 -5.90
CA SER B 49 4.69 17.99 -4.56
C SER B 49 4.13 17.06 -3.47
N VAL B 50 4.75 17.06 -2.29
CA VAL B 50 4.29 16.28 -1.13
C VAL B 50 4.64 16.89 0.23
N PHE B 51 3.73 16.80 1.19
CA PHE B 51 3.98 17.36 2.53
C PHE B 51 3.96 16.35 3.67
N TYR B 52 5.11 16.16 4.29
CA TYR B 52 5.33 15.00 5.15
C TYR B 52 4.82 15.11 6.60
N SER B 53 4.20 16.24 6.94
CA SER B 53 3.54 16.40 8.22
C SER B 53 4.51 16.60 9.39
N GLY B 54 5.81 16.54 9.11
CA GLY B 54 6.80 16.89 10.13
C GLY B 54 7.23 18.31 9.86
N GLY B 55 6.66 18.84 8.78
CA GLY B 55 7.08 20.10 8.21
C GLY B 55 8.01 19.88 7.01
N THR B 56 8.42 18.64 6.81
CA THR B 56 9.42 18.35 5.80
C THR B 56 8.76 18.12 4.46
N THR B 57 9.33 18.68 3.42
CA THR B 57 8.63 18.73 2.15
C THR B 57 9.51 18.55 0.91
N TYR B 58 9.06 17.73 -0.06
CA TYR B 58 9.77 17.52 -1.33
C TYR B 58 8.92 17.93 -2.54
N TYR B 59 9.59 18.45 -3.58
CA TYR B 59 8.92 18.91 -4.80
C TYR B 59 9.36 18.14 -6.03
N ALA B 60 8.44 17.97 -6.99
CA ALA B 60 8.79 17.31 -8.24
C ALA B 60 9.76 18.19 -9.02
N ASP B 61 10.66 17.59 -9.79
CA ASP B 61 11.66 18.37 -10.50
C ASP B 61 11.05 19.56 -11.26
N ALA B 62 10.00 19.31 -12.02
CA ALA B 62 9.46 20.34 -12.94
C ALA B 62 9.06 21.68 -12.31
N VAL B 63 8.87 21.71 -11.00
CA VAL B 63 8.66 22.96 -10.30
C VAL B 63 9.53 22.94 -9.08
N LYS B 64 10.54 23.79 -9.00
CA LYS B 64 11.34 23.89 -7.80
C LYS B 64 11.78 25.33 -7.75
N GLY B 65 11.77 25.93 -6.57
CA GLY B 65 12.05 27.34 -6.44
C GLY B 65 10.94 28.14 -7.08
N ARG B 66 9.85 27.45 -7.36
CA ARG B 66 8.63 28.10 -7.77
C ARG B 66 7.56 27.87 -6.70
N PHE B 67 7.07 26.64 -6.64
CA PHE B 67 6.00 26.25 -5.74
C PHE B 67 6.44 25.97 -4.30
N SER B 68 5.64 26.43 -3.34
CA SER B 68 5.87 26.18 -1.91
C SER B 68 4.60 25.55 -1.34
N ILE B 69 4.72 24.38 -0.70
CA ILE B 69 3.55 23.70 -0.14
C ILE B 69 3.42 23.83 1.40
N SER B 70 2.34 24.47 1.87
CA SER B 70 2.22 24.90 3.27
C SER B 70 1.09 24.25 4.08
N MET B 71 0.99 24.64 5.35
CA MET B 71 -0.20 24.32 6.17
C MET B 71 -0.58 25.47 7.09
N ASP B 72 -1.89 25.74 7.23
CA ASP B 72 -2.38 26.62 8.28
C ASP B 72 -2.57 25.88 9.61
N THR B 73 -3.09 24.66 9.51
CA THR B 73 -3.31 23.76 10.65
C THR B 73 -4.10 24.46 11.73
N SER B 74 -4.84 25.47 11.30
CA SER B 74 -5.76 26.19 12.16
C SER B 74 -7.07 26.10 11.44
N LYS B 75 -7.13 26.68 10.25
CA LYS B 75 -8.29 26.54 9.38
C LYS B 75 -8.39 25.11 8.83
N ASN B 76 -7.36 24.30 9.07
CA ASN B 76 -7.32 22.94 8.57
C ASN B 76 -7.28 22.96 7.05
N THR B 77 -6.45 23.86 6.55
CA THR B 77 -6.34 24.07 5.14
C THR B 77 -4.94 23.64 4.76
N LEU B 78 -4.76 23.32 3.48
CA LEU B 78 -3.48 22.98 2.87
C LEU B 78 -3.27 23.98 1.76
N HIS B 79 -2.11 24.61 1.70
CA HIS B 79 -1.86 25.64 0.68
C HIS B 79 -0.82 25.20 -0.34
N LEU B 80 -1.00 25.52 -1.59
CA LEU B 80 0.11 25.44 -2.54
C LEU B 80 0.28 26.81 -3.18
N GLN B 81 1.40 27.46 -2.93
CA GLN B 81 1.61 28.77 -3.51
C GLN B 81 2.46 28.64 -4.75
N MET B 82 2.02 29.21 -5.86
CA MET B 82 2.74 29.04 -7.10
C MET B 82 3.35 30.34 -7.55
N ASN B 83 4.60 30.28 -7.98
CA ASN B 83 5.26 31.49 -8.42
C ASN B 83 5.82 31.38 -9.82
N SER B 84 6.15 32.54 -10.38
CA SER B 84 6.83 32.67 -11.66
C SER B 84 6.19 31.69 -12.61
N LEU B 85 4.86 31.61 -12.48
CA LEU B 85 3.99 30.66 -13.14
C LEU B 85 4.16 30.69 -14.62
N ARG B 86 4.11 29.54 -15.29
CA ARG B 86 4.33 29.53 -16.72
C ARG B 86 3.27 28.77 -17.52
N VAL B 87 3.29 28.91 -18.85
CA VAL B 87 2.19 28.39 -19.65
C VAL B 87 1.95 26.92 -19.41
N GLU B 88 3.03 26.15 -19.39
CA GLU B 88 2.95 24.70 -19.18
C GLU B 88 2.18 24.29 -17.91
N ASP B 89 2.20 25.13 -16.88
CA ASP B 89 1.56 24.81 -15.61
C ASP B 89 0.04 24.73 -15.71
N THR B 90 -0.54 25.18 -16.80
CA THR B 90 -1.99 25.15 -16.93
C THR B 90 -2.52 23.74 -16.75
N ALA B 91 -3.44 23.54 -15.82
CA ALA B 91 -3.93 22.21 -15.54
C ALA B 91 -5.03 22.23 -14.51
N ILE B 92 -5.65 21.09 -14.24
CA ILE B 92 -6.49 20.93 -13.07
C ILE B 92 -5.49 20.84 -11.94
N TYR B 93 -5.87 21.12 -10.70
CA TYR B 93 -4.96 20.83 -9.60
C TYR B 93 -5.67 20.12 -8.49
N TYR B 94 -5.35 18.84 -8.34
CA TYR B 94 -6.00 18.00 -7.36
C TYR B 94 -5.19 18.04 -6.09
N CYS B 95 -5.88 17.98 -4.97
CA CYS B 95 -5.26 17.77 -3.68
C CYS B 95 -5.73 16.38 -3.26
N ALA B 96 -4.85 15.59 -2.66
CA ALA B 96 -5.29 14.30 -2.15
C ALA B 96 -4.41 13.86 -1.00
N ARG B 97 -4.98 13.04 -0.12
CA ARG B 97 -4.28 12.59 1.09
C ARG B 97 -3.35 11.44 0.80
N VAL B 98 -2.22 11.39 1.52
CA VAL B 98 -1.25 10.30 1.39
C VAL B 98 -1.18 9.46 2.65
N LEU B 99 -1.54 8.19 2.55
CA LEU B 99 -1.57 7.30 3.70
C LEU B 99 -0.21 7.01 4.33
N SER B 100 -0.22 6.69 5.63
CA SER B 100 1.02 6.58 6.40
C SER B 100 1.56 5.15 6.49
N ARG B 101 0.85 4.17 5.96
CA ARG B 101 1.31 2.78 6.03
C ARG B 101 1.43 2.30 7.48
N ALA B 102 2.63 1.86 7.87
CA ALA B 102 2.88 1.34 9.23
C ALA B 102 4.05 2.07 9.95
N SER B 103 5.24 1.97 9.36
CA SER B 103 6.37 2.83 9.72
C SER B 103 6.11 4.16 9.11
N GLY B 104 7.10 5.05 9.13
CA GLY B 104 6.90 6.39 8.57
C GLY B 104 6.69 6.57 7.07
N MET B 105 7.09 5.57 6.29
CA MET B 105 7.09 5.66 4.86
C MET B 105 5.68 5.89 4.28
N PRO B 106 5.56 6.68 3.19
CA PRO B 106 4.29 7.02 2.54
C PRO B 106 3.76 5.89 1.67
N ASP B 107 2.45 5.79 1.55
CA ASP B 107 1.87 4.68 0.80
C ASP B 107 0.97 5.11 -0.36
N ALA B 108 -0.28 5.47 -0.11
CA ALA B 108 -1.14 5.68 -1.26
C ALA B 108 -1.88 7.00 -1.28
N PHE B 109 -2.64 7.24 -2.35
CA PHE B 109 -3.54 8.37 -2.39
C PHE B 109 -4.97 7.83 -2.23
N ASP B 110 -5.56 7.96 -1.03
CA ASP B 110 -6.86 7.34 -0.71
C ASP B 110 -8.05 8.14 -1.23
N ILE B 111 -8.03 9.46 -0.97
CA ILE B 111 -9.12 10.34 -1.38
C ILE B 111 -8.59 11.62 -2.02
N TRP B 112 -9.32 12.09 -3.02
CA TRP B 112 -8.98 13.29 -3.77
C TRP B 112 -10.12 14.24 -3.67
N GLY B 113 -10.04 15.34 -4.39
CA GLY B 113 -11.15 16.26 -4.43
C GLY B 113 -11.20 16.78 -5.83
N PRO B 114 -12.34 17.34 -6.24
CA PRO B 114 -12.59 17.63 -7.65
C PRO B 114 -11.47 18.42 -8.34
N GLY B 115 -10.81 19.33 -7.61
CA GLY B 115 -9.70 20.12 -8.13
C GLY B 115 -10.19 21.28 -8.99
N THR B 116 -9.35 22.32 -9.07
CA THR B 116 -9.80 23.59 -9.62
C THR B 116 -8.84 24.16 -10.63
N MET B 117 -9.26 24.30 -11.88
CA MET B 117 -8.38 24.73 -12.97
C MET B 117 -7.66 26.01 -12.70
N VAL B 118 -6.34 25.97 -12.85
CA VAL B 118 -5.58 27.15 -13.17
C VAL B 118 -5.54 27.08 -14.68
N THR B 119 -5.66 28.24 -15.32
CA THR B 119 -5.31 28.41 -16.72
C THR B 119 -4.26 29.47 -16.62
N VAL B 120 -3.11 29.30 -17.26
CA VAL B 120 -2.13 30.36 -17.21
C VAL B 120 -2.06 30.90 -18.59
N SER B 121 -2.41 32.15 -18.75
CA SER B 121 -2.41 32.70 -20.08
C SER B 121 -2.35 34.19 -20.00
N SER B 122 -1.85 34.82 -21.04
CA SER B 122 -1.90 36.26 -21.03
C SER B 122 -3.09 36.58 -21.89
N ALA B 123 -4.19 36.96 -21.24
CA ALA B 123 -5.46 37.12 -21.91
C ALA B 123 -6.54 37.63 -20.98
N SER B 124 -7.68 37.97 -21.57
CA SER B 124 -8.75 38.68 -20.88
C SER B 124 -9.73 37.72 -20.22
N THR B 125 -9.98 37.89 -18.93
CA THR B 125 -11.04 37.16 -18.24
C THR B 125 -12.35 37.52 -18.91
N LYS B 126 -13.13 36.56 -19.36
CA LYS B 126 -14.43 36.95 -19.88
C LYS B 126 -15.56 36.04 -19.49
N GLY B 127 -16.50 36.58 -18.73
CA GLY B 127 -17.66 35.82 -18.29
C GLY B 127 -18.57 35.57 -19.48
N PRO B 128 -19.48 34.62 -19.33
CA PRO B 128 -20.36 34.22 -20.42
C PRO B 128 -21.50 35.19 -20.64
N SER B 129 -22.14 35.10 -21.81
CA SER B 129 -23.45 35.68 -22.04
C SER B 129 -24.37 34.47 -22.22
N VAL B 130 -25.38 34.32 -21.38
CA VAL B 130 -26.25 33.14 -21.48
C VAL B 130 -27.58 33.38 -22.20
N PHE B 131 -27.74 32.84 -23.40
CA PHE B 131 -29.03 32.93 -24.12
C PHE B 131 -29.84 31.63 -24.04
N PRO B 132 -31.08 31.68 -23.54
CA PRO B 132 -31.90 30.46 -23.47
C PRO B 132 -32.27 29.93 -24.85
N LEU B 133 -32.63 28.64 -24.91
CA LEU B 133 -32.95 27.97 -26.17
C LEU B 133 -34.35 27.37 -26.10
N ALA B 134 -35.26 27.82 -26.96
CA ALA B 134 -36.67 27.45 -26.82
C ALA B 134 -37.01 26.07 -27.35
N PRO B 135 -37.86 25.34 -26.61
CA PRO B 135 -38.43 24.04 -26.99
C PRO B 135 -39.17 24.10 -28.33
N SER B 136 -39.01 23.08 -29.17
CA SER B 136 -39.66 23.02 -30.48
C SER B 136 -41.17 23.29 -30.41
N SER B 137 -41.68 24.04 -31.39
CA SER B 137 -43.11 24.29 -31.49
C SER B 137 -43.87 23.02 -31.85
N ALA B 138 -43.24 22.15 -32.64
CA ALA B 138 -43.82 20.87 -33.02
C ALA B 138 -44.19 20.02 -31.78
N ALA B 139 -45.24 19.22 -31.89
CA ALA B 139 -45.76 18.47 -30.76
C ALA B 139 -46.48 17.16 -31.17
N THR B 140 -46.56 16.19 -30.25
CA THR B 140 -45.71 16.15 -29.05
C THR B 140 -44.71 14.99 -29.23
N SER B 141 -43.40 15.30 -29.25
CA SER B 141 -42.41 14.38 -29.80
C SER B 141 -42.55 12.94 -29.31
N GLY B 142 -42.13 12.73 -28.07
CA GLY B 142 -42.46 11.53 -27.32
C GLY B 142 -43.45 11.93 -26.24
N GLY B 143 -44.07 13.10 -26.46
CA GLY B 143 -44.71 13.85 -25.40
C GLY B 143 -43.60 14.63 -24.75
N THR B 144 -42.39 14.40 -25.25
CA THR B 144 -41.19 14.95 -24.66
C THR B 144 -40.38 15.69 -25.72
N ALA B 145 -39.94 16.91 -25.39
CA ALA B 145 -38.96 17.65 -26.22
C ALA B 145 -37.96 18.42 -25.34
N ALA B 146 -37.05 19.13 -26.00
CA ALA B 146 -35.77 19.51 -25.37
C ALA B 146 -35.37 21.00 -25.38
N LEU B 147 -35.18 21.54 -24.18
CA LEU B 147 -34.84 22.95 -23.99
C LEU B 147 -33.55 23.05 -23.20
N GLY B 148 -32.94 24.22 -23.22
CA GLY B 148 -31.76 24.44 -22.40
C GLY B 148 -31.06 25.73 -22.70
N CYS B 149 -30.16 26.11 -21.79
CA CYS B 149 -29.34 27.32 -21.94
C CYS B 149 -28.19 27.04 -22.86
N LEU B 150 -27.69 28.10 -23.48
CA LEU B 150 -26.42 28.06 -24.20
C LEU B 150 -25.49 29.02 -23.48
N VAL B 151 -24.35 28.55 -23.00
CA VAL B 151 -23.39 29.47 -22.39
C VAL B 151 -22.33 29.85 -23.45
N LYS B 152 -22.31 31.09 -23.91
CA LYS B 152 -21.43 31.44 -25.01
C LYS B 152 -20.30 32.42 -24.69
N ASP B 153 -19.23 32.31 -25.48
CA ASP B 153 -18.08 33.20 -25.42
C ASP B 153 -17.54 33.51 -24.02
N TYR B 154 -16.90 32.53 -23.37
CA TYR B 154 -16.42 32.68 -21.98
C TYR B 154 -15.01 32.13 -21.64
N PHE B 155 -14.26 32.86 -20.84
CA PHE B 155 -12.88 32.51 -20.52
C PHE B 155 -12.42 32.94 -19.10
N PRO B 156 -11.58 32.12 -18.44
CA PRO B 156 -11.14 30.78 -18.79
C PRO B 156 -12.09 29.76 -18.21
N GLU B 157 -11.79 28.48 -18.39
CA GLU B 157 -12.62 27.40 -17.89
C GLU B 157 -12.51 27.40 -16.33
N PRO B 158 -13.41 26.72 -15.60
CA PRO B 158 -14.62 25.95 -15.88
C PRO B 158 -15.89 26.75 -15.71
N VAL B 159 -17.01 26.18 -16.16
CA VAL B 159 -18.32 26.82 -16.00
C VAL B 159 -19.33 25.81 -15.45
N THR B 160 -19.79 26.03 -14.22
CA THR B 160 -20.79 25.15 -13.59
C THR B 160 -22.12 25.35 -14.29
N VAL B 161 -22.88 24.29 -14.51
CA VAL B 161 -24.30 24.47 -14.89
C VAL B 161 -25.28 23.60 -14.11
N SER B 162 -26.25 24.24 -13.46
CA SER B 162 -27.34 23.56 -12.75
C SER B 162 -28.68 23.78 -13.48
N TRP B 163 -29.78 23.26 -12.92
CA TRP B 163 -31.10 23.55 -13.49
C TRP B 163 -32.12 23.88 -12.41
N ASN B 164 -32.83 25.00 -12.61
CA ASN B 164 -33.52 25.67 -11.52
C ASN B 164 -32.48 25.88 -10.44
N SER B 165 -32.79 25.45 -9.22
CA SER B 165 -31.69 25.07 -8.36
C SER B 165 -31.69 23.56 -8.43
N GLY B 166 -30.85 22.88 -7.67
CA GLY B 166 -30.58 21.48 -7.98
C GLY B 166 -31.76 20.53 -8.16
N ALA B 167 -32.93 20.86 -7.64
CA ALA B 167 -34.05 19.92 -7.64
C ALA B 167 -34.40 19.39 -9.05
N LEU B 168 -33.96 20.06 -10.12
CA LEU B 168 -34.03 19.40 -11.43
C LEU B 168 -32.72 18.65 -11.73
N THR B 169 -32.80 17.32 -11.75
CA THR B 169 -31.63 16.46 -11.96
C THR B 169 -31.65 15.71 -13.28
N SER B 170 -32.58 14.77 -13.41
CA SER B 170 -32.53 13.78 -14.48
C SER B 170 -32.78 14.51 -15.77
N GLY B 171 -32.82 13.76 -16.87
CA GLY B 171 -33.12 14.36 -18.16
C GLY B 171 -32.08 15.35 -18.67
N VAL B 172 -31.05 15.60 -17.86
CA VAL B 172 -30.08 16.67 -18.13
C VAL B 172 -28.85 16.19 -18.86
N HIS B 173 -28.41 16.95 -19.85
CA HIS B 173 -27.12 16.68 -20.49
C HIS B 173 -26.31 17.96 -20.67
N THR B 174 -25.23 18.13 -19.92
CA THR B 174 -24.52 19.40 -19.95
C THR B 174 -23.25 19.19 -20.74
N PHE B 175 -23.17 19.74 -21.94
CA PHE B 175 -22.11 19.34 -22.85
C PHE B 175 -20.75 19.84 -22.48
N PRO B 176 -19.71 19.11 -22.91
CA PRO B 176 -18.35 19.62 -22.81
C PRO B 176 -18.21 20.86 -23.69
N ALA B 177 -17.20 21.67 -23.39
CA ALA B 177 -16.98 22.93 -24.07
C ALA B 177 -16.46 22.75 -25.48
N VAL B 178 -16.23 23.87 -26.13
CA VAL B 178 -15.54 23.92 -27.39
C VAL B 178 -14.63 25.10 -27.31
N LEU B 179 -13.32 24.92 -27.48
CA LEU B 179 -12.47 26.08 -27.66
C LEU B 179 -12.65 26.68 -29.07
N GLN B 180 -12.77 28.00 -29.18
CA GLN B 180 -13.02 28.64 -30.46
C GLN B 180 -11.75 29.22 -31.08
N SER B 181 -11.86 29.76 -32.27
CA SER B 181 -10.72 30.36 -32.94
C SER B 181 -10.29 31.58 -32.16
N SER B 182 -11.25 32.22 -31.49
CA SER B 182 -10.92 33.39 -30.71
C SER B 182 -10.34 32.97 -29.39
N GLY B 183 -10.50 31.68 -29.09
CA GLY B 183 -9.87 31.10 -27.91
C GLY B 183 -10.65 31.46 -26.67
N LEU B 184 -11.96 31.43 -26.82
CA LEU B 184 -12.89 31.65 -25.74
C LEU B 184 -13.84 30.48 -25.75
N TYR B 185 -14.04 29.85 -24.60
CA TYR B 185 -14.86 28.66 -24.52
C TYR B 185 -16.37 28.96 -24.72
N SER B 186 -17.15 27.93 -25.06
CA SER B 186 -18.61 28.02 -25.19
C SER B 186 -19.14 26.67 -24.75
N LEU B 187 -20.40 26.61 -24.37
CA LEU B 187 -20.93 25.42 -23.69
C LEU B 187 -22.39 25.21 -24.00
N SER B 188 -23.02 24.22 -23.38
CA SER B 188 -24.46 24.05 -23.54
C SER B 188 -25.02 23.28 -22.37
N SER B 189 -26.33 23.10 -22.36
CA SER B 189 -26.99 22.21 -21.44
C SER B 189 -28.28 21.85 -22.18
N VAL B 190 -28.84 20.67 -21.94
CA VAL B 190 -30.12 20.29 -22.57
C VAL B 190 -30.96 19.41 -21.64
N VAL B 191 -32.25 19.70 -21.50
CA VAL B 191 -33.12 18.82 -20.71
C VAL B 191 -34.16 18.16 -21.60
N THR B 192 -34.18 16.84 -21.58
CA THR B 192 -35.32 16.14 -22.15
C THR B 192 -36.46 16.30 -21.14
N VAL B 193 -37.57 16.85 -21.61
CA VAL B 193 -38.72 17.12 -20.73
C VAL B 193 -40.06 16.83 -21.42
N PRO B 194 -41.07 16.45 -20.64
CA PRO B 194 -42.42 16.18 -21.16
C PRO B 194 -43.09 17.44 -21.73
N SER B 195 -43.63 17.35 -22.95
CA SER B 195 -44.44 18.43 -23.50
C SER B 195 -45.69 18.71 -22.65
N SER B 196 -46.23 17.65 -22.03
CA SER B 196 -47.38 17.76 -21.15
C SER B 196 -47.15 18.71 -19.97
N SER B 197 -45.91 18.76 -19.48
CA SER B 197 -45.56 19.62 -18.33
C SER B 197 -45.16 21.07 -18.67
N LEU B 198 -44.76 21.31 -19.92
CA LEU B 198 -44.43 22.65 -20.41
C LEU B 198 -45.58 23.62 -20.20
N GLY B 199 -45.28 24.85 -19.79
CA GLY B 199 -46.31 25.84 -19.58
C GLY B 199 -46.99 25.70 -18.22
N THR B 200 -46.88 24.50 -17.64
CA THR B 200 -47.29 24.29 -16.27
C THR B 200 -46.03 24.47 -15.44
N GLN B 201 -45.09 23.55 -15.65
CA GLN B 201 -43.79 23.56 -14.99
C GLN B 201 -42.82 24.52 -15.69
N THR B 202 -42.02 25.23 -14.89
CA THR B 202 -41.12 26.28 -15.39
C THR B 202 -39.63 25.95 -15.17
N TYR B 203 -38.80 26.33 -16.13
CA TYR B 203 -37.38 25.92 -16.16
C TYR B 203 -36.38 27.07 -16.15
N ILE B 204 -35.48 27.08 -15.17
CA ILE B 204 -34.40 28.06 -15.18
C ILE B 204 -33.01 27.41 -15.28
N CYS B 205 -32.30 27.71 -16.36
CA CYS B 205 -30.91 27.32 -16.48
C CYS B 205 -30.10 28.10 -15.47
N ASN B 206 -29.18 27.45 -14.79
CA ASN B 206 -28.47 28.12 -13.72
C ASN B 206 -26.96 28.02 -13.83
N VAL B 207 -26.31 29.14 -14.11
CA VAL B 207 -24.89 29.19 -14.50
C VAL B 207 -23.99 29.92 -13.47
N ASN B 208 -22.86 29.31 -13.11
CA ASN B 208 -21.89 29.96 -12.24
C ASN B 208 -20.51 29.87 -12.87
N HIS B 209 -19.90 31.00 -13.23
CA HIS B 209 -18.54 30.99 -13.78
C HIS B 209 -17.69 31.83 -12.84
N LYS B 210 -16.84 31.18 -12.07
CA LYS B 210 -16.22 31.88 -10.94
C LYS B 210 -15.19 32.94 -11.31
N PRO B 211 -14.28 32.63 -12.22
CA PRO B 211 -13.15 33.55 -12.35
C PRO B 211 -13.57 34.92 -12.84
N SER B 212 -14.76 35.01 -13.43
CA SER B 212 -15.39 36.28 -13.84
C SER B 212 -16.40 36.84 -12.83
N ASN B 213 -16.50 36.23 -11.65
CA ASN B 213 -17.44 36.62 -10.62
C ASN B 213 -18.87 36.78 -11.15
N THR B 214 -19.22 35.92 -12.10
CA THR B 214 -20.49 35.99 -12.82
C THR B 214 -21.43 34.86 -12.42
N LYS B 215 -22.52 35.20 -11.74
CA LYS B 215 -23.63 34.28 -11.52
C LYS B 215 -24.79 34.74 -12.40
N VAL B 216 -25.54 33.82 -13.01
CA VAL B 216 -26.66 34.17 -13.90
C VAL B 216 -27.78 33.13 -13.86
N ASP B 217 -29.03 33.58 -13.93
CA ASP B 217 -30.16 32.67 -14.08
C ASP B 217 -30.94 33.17 -15.29
N LYS B 218 -31.15 32.31 -16.27
CA LYS B 218 -32.06 32.65 -17.36
C LYS B 218 -33.25 31.69 -17.26
N LYS B 219 -34.44 32.19 -17.60
CA LYS B 219 -35.61 31.32 -17.62
C LYS B 219 -35.62 30.69 -18.99
N VAL B 220 -36.54 29.78 -19.24
CA VAL B 220 -36.50 29.12 -20.53
C VAL B 220 -37.79 28.33 -20.83
N GLU C 1 16.76 7.38 -9.42
CA GLU C 1 15.90 7.62 -10.56
C GLU C 1 14.59 6.84 -10.45
N LEU C 2 13.49 7.43 -10.89
CA LEU C 2 12.33 6.64 -11.30
C LEU C 2 11.50 7.31 -12.40
N ALA C 3 11.07 6.51 -13.38
CA ALA C 3 9.95 6.82 -14.25
C ALA C 3 9.18 5.53 -14.55
N LEU C 4 7.87 5.53 -14.30
CA LEU C 4 7.01 4.40 -14.70
C LEU C 4 6.51 4.50 -16.12
N ILE C 5 6.19 3.39 -16.73
CA ILE C 5 5.68 3.40 -18.10
C ILE C 5 4.61 2.36 -18.35
N GLN C 6 3.48 2.75 -18.90
CA GLN C 6 2.43 1.77 -19.13
C GLN C 6 1.82 2.07 -20.47
N PRO C 7 1.31 1.04 -21.13
CA PRO C 7 0.83 1.13 -22.51
C PRO C 7 -0.42 1.99 -22.57
N ALA C 8 -0.49 2.97 -23.47
CA ALA C 8 -1.66 3.84 -23.53
C ALA C 8 -2.93 3.14 -24.03
N SER C 9 -2.80 1.94 -24.55
CA SER C 9 -3.96 1.29 -25.16
C SER C 9 -4.18 -0.11 -24.60
N VAL C 10 -5.43 -0.47 -24.30
CA VAL C 10 -5.77 -1.85 -23.95
C VAL C 10 -7.14 -2.17 -24.46
N SER C 11 -7.38 -3.40 -24.92
CA SER C 11 -8.75 -3.83 -25.25
C SER C 11 -9.14 -5.06 -24.44
N VAL C 12 -10.43 -5.34 -24.39
CA VAL C 12 -10.93 -6.52 -23.70
C VAL C 12 -12.22 -7.01 -24.34
N SER C 13 -12.44 -8.32 -24.35
CA SER C 13 -13.73 -8.88 -24.73
C SER C 13 -14.58 -9.00 -23.47
N PRO C 14 -15.87 -8.60 -23.58
CA PRO C 14 -16.69 -8.40 -22.38
C PRO C 14 -16.88 -9.66 -21.58
N GLY C 15 -16.57 -9.58 -20.29
CA GLY C 15 -16.71 -10.73 -19.40
C GLY C 15 -15.45 -11.57 -19.33
N GLN C 16 -14.63 -11.48 -20.38
CA GLN C 16 -13.37 -12.22 -20.39
C GLN C 16 -12.34 -11.39 -19.66
N THR C 17 -11.74 -11.96 -18.61
CA THR C 17 -10.78 -11.19 -17.82
C THR C 17 -9.67 -10.60 -18.67
N ALA C 18 -9.29 -9.35 -18.37
CA ALA C 18 -8.10 -8.76 -18.99
C ALA C 18 -7.40 -7.76 -18.05
N SER C 19 -6.27 -7.22 -18.49
CA SER C 19 -5.33 -6.56 -17.56
C SER C 19 -4.17 -5.74 -18.17
N ILE C 20 -3.62 -4.85 -17.34
CA ILE C 20 -2.66 -3.84 -17.78
C ILE C 20 -1.41 -3.80 -16.90
N THR C 21 -0.28 -3.49 -17.53
CA THR C 21 1.06 -3.62 -16.98
C THR C 21 1.67 -2.25 -16.81
N CYS C 22 2.36 -2.01 -15.70
CA CYS C 22 3.08 -0.77 -15.49
C CYS C 22 4.47 -1.10 -14.99
N SER C 23 5.50 -0.78 -15.75
CA SER C 23 6.81 -1.34 -15.45
C SER C 23 7.94 -0.32 -15.53
N GLY C 24 8.75 -0.22 -14.50
CA GLY C 24 9.84 0.73 -14.55
C GLY C 24 10.93 0.38 -13.58
N ASP C 25 12.15 0.84 -13.87
CA ASP C 25 13.24 0.74 -12.91
C ASP C 25 13.05 -0.56 -12.17
N LYS C 26 13.15 -0.47 -10.86
CA LYS C 26 12.92 -1.62 -10.02
C LYS C 26 11.61 -1.41 -9.31
N LEU C 27 10.55 -2.13 -9.67
CA LEU C 27 9.35 -2.16 -8.82
C LEU C 27 9.57 -3.23 -7.75
N GLY C 28 10.64 -3.98 -7.90
CA GLY C 28 11.02 -4.99 -6.95
C GLY C 28 11.58 -4.60 -5.59
N ASP C 29 10.83 -4.99 -4.59
CA ASP C 29 9.43 -5.13 -4.83
C ASP C 29 8.95 -3.86 -4.14
N LYS C 30 8.56 -2.86 -4.91
CA LYS C 30 8.36 -1.52 -4.40
C LYS C 30 6.87 -1.31 -4.19
N TYR C 31 6.47 -0.49 -3.23
CA TYR C 31 5.05 -0.43 -2.97
C TYR C 31 4.31 0.36 -4.05
N ALA C 32 3.38 -0.32 -4.71
CA ALA C 32 2.56 0.20 -5.82
C ALA C 32 1.30 0.95 -5.35
N SER C 33 0.48 1.40 -6.30
CA SER C 33 -0.94 1.73 -6.07
C SER C 33 -1.64 1.80 -7.43
N TRP C 34 -2.97 1.72 -7.45
CA TRP C 34 -3.68 1.70 -8.72
C TRP C 34 -4.93 2.58 -8.77
N TYR C 35 -4.99 3.52 -9.72
CA TYR C 35 -6.08 4.48 -9.80
C TYR C 35 -6.99 4.29 -11.01
N GLN C 36 -8.30 4.41 -10.78
CA GLN C 36 -9.28 4.41 -11.86
C GLN C 36 -9.91 5.77 -11.94
N GLN C 37 -9.89 6.37 -13.11
CA GLN C 37 -10.46 7.69 -13.28
C GLN C 37 -11.27 7.70 -14.54
N LYS C 38 -12.60 7.84 -14.41
CA LYS C 38 -13.46 7.96 -15.56
C LYS C 38 -13.48 9.42 -15.92
N PRO C 39 -13.82 9.75 -17.17
CA PRO C 39 -13.65 11.13 -17.63
C PRO C 39 -14.22 12.16 -16.66
N GLY C 40 -13.47 13.23 -16.43
CA GLY C 40 -13.99 14.39 -15.72
C GLY C 40 -14.17 14.21 -14.23
N GLN C 41 -14.01 12.97 -13.77
CA GLN C 41 -13.98 12.63 -12.35
C GLN C 41 -12.61 12.96 -11.75
N SER C 42 -12.54 13.10 -10.43
CA SER C 42 -11.26 12.89 -9.79
C SER C 42 -10.99 11.39 -9.99
N PRO C 43 -9.72 10.94 -9.92
CA PRO C 43 -9.41 9.52 -9.96
C PRO C 43 -9.65 8.89 -8.60
N VAL C 44 -10.13 7.65 -8.56
CA VAL C 44 -10.35 6.98 -7.29
C VAL C 44 -9.41 5.78 -7.14
N LEU C 45 -9.11 5.39 -5.90
CA LEU C 45 -8.04 4.42 -5.67
C LEU C 45 -8.60 3.03 -5.68
N VAL C 46 -8.25 2.29 -6.71
CA VAL C 46 -8.73 0.91 -6.83
C VAL C 46 -7.92 -0.15 -6.04
N ILE C 47 -6.58 -0.11 -6.05
CA ILE C 47 -5.74 -1.04 -5.26
C ILE C 47 -4.42 -0.42 -4.78
N TYR C 48 -4.01 -0.65 -3.53
CA TYR C 48 -2.85 0.09 -3.02
C TYR C 48 -1.56 -0.64 -2.63
N GLN C 49 -1.48 -1.25 -1.45
CA GLN C 49 -0.19 -1.77 -1.01
C GLN C 49 0.24 -2.73 -2.09
N ASP C 50 -0.57 -3.74 -2.31
CA ASP C 50 -0.77 -4.21 -3.67
C ASP C 50 -1.61 -5.47 -3.67
N SER C 51 -2.27 -5.72 -4.80
CA SER C 51 -3.27 -6.78 -4.86
C SER C 51 -4.12 -6.73 -3.59
N GLU C 52 -4.29 -5.51 -3.06
CA GLU C 52 -5.11 -5.27 -1.88
C GLU C 52 -6.09 -4.15 -2.17
N ARG C 53 -7.38 -4.49 -2.21
CA ARG C 53 -8.46 -3.56 -2.60
C ARG C 53 -9.06 -2.89 -1.37
N PRO C 54 -9.26 -1.57 -1.41
CA PRO C 54 -9.75 -0.90 -0.21
C PRO C 54 -11.26 -1.05 -0.07
N SER C 55 -11.78 -0.61 1.07
CA SER C 55 -13.15 -0.93 1.49
C SER C 55 -14.15 -0.55 0.43
N GLY C 56 -14.99 -1.50 0.03
CA GLY C 56 -15.97 -1.19 -0.99
C GLY C 56 -15.40 -0.93 -2.37
N ILE C 57 -14.52 -1.83 -2.81
CA ILE C 57 -14.18 -1.92 -4.21
C ILE C 57 -14.47 -3.33 -4.62
N PRO C 58 -15.03 -3.51 -5.83
CA PRO C 58 -15.39 -4.82 -6.35
C PRO C 58 -14.19 -5.78 -6.35
N GLU C 59 -14.41 -7.03 -5.97
CA GLU C 59 -13.29 -7.96 -5.85
C GLU C 59 -12.93 -8.60 -7.19
N ARG C 60 -13.62 -8.21 -8.25
CA ARG C 60 -13.23 -8.65 -9.58
C ARG C 60 -11.91 -7.97 -9.99
N PHE C 61 -11.51 -6.95 -9.22
CA PHE C 61 -10.18 -6.33 -9.31
C PHE C 61 -9.15 -7.09 -8.51
N SER C 62 -7.88 -6.99 -8.89
CA SER C 62 -6.72 -7.29 -8.01
C SER C 62 -5.39 -7.04 -8.72
N GLY C 63 -4.32 -6.89 -7.93
CA GLY C 63 -3.02 -6.60 -8.50
C GLY C 63 -2.00 -7.71 -8.49
N SER C 64 -0.89 -7.52 -9.21
CA SER C 64 0.30 -8.35 -9.09
C SER C 64 1.49 -7.42 -9.32
N ASN C 65 2.51 -7.48 -8.48
CA ASN C 65 3.75 -6.77 -8.76
C ASN C 65 4.97 -7.55 -8.32
N SER C 66 5.80 -7.95 -9.27
CA SER C 66 7.02 -8.66 -8.95
C SER C 66 8.14 -8.31 -9.94
N GLY C 67 9.32 -8.00 -9.42
CA GLY C 67 10.45 -7.67 -10.26
C GLY C 67 10.36 -6.36 -10.99
N ASN C 68 10.45 -6.43 -12.30
CA ASN C 68 10.43 -5.27 -13.19
C ASN C 68 9.11 -4.54 -13.26
N THR C 69 8.04 -5.26 -12.97
CA THR C 69 6.76 -4.91 -13.54
C THR C 69 5.57 -5.20 -12.63
N ALA C 70 4.59 -4.29 -12.63
CA ALA C 70 3.36 -4.46 -11.87
C ALA C 70 2.16 -4.55 -12.82
N THR C 71 1.19 -5.40 -12.50
CA THR C 71 0.04 -5.60 -13.39
C THR C 71 -1.31 -5.61 -12.70
N LEU C 72 -2.20 -4.72 -13.14
CA LEU C 72 -3.56 -4.70 -12.60
C LEU C 72 -4.53 -5.52 -13.43
N THR C 73 -5.22 -6.45 -12.77
CA THR C 73 -6.02 -7.47 -13.45
C THR C 73 -7.50 -7.36 -13.07
N ILE C 74 -8.37 -7.35 -14.08
CA ILE C 74 -9.82 -7.28 -13.87
C ILE C 74 -10.54 -8.57 -14.29
N SER C 75 -11.07 -9.30 -13.31
CA SER C 75 -11.67 -10.60 -13.58
C SER C 75 -12.98 -10.50 -14.37
N GLY C 76 -13.92 -9.70 -13.86
CA GLY C 76 -15.22 -9.58 -14.49
C GLY C 76 -15.22 -8.89 -15.84
N THR C 77 -14.52 -7.76 -15.96
CA THR C 77 -14.56 -6.92 -17.17
C THR C 77 -15.97 -6.62 -17.64
N GLN C 78 -16.65 -5.77 -16.87
CA GLN C 78 -17.90 -5.17 -17.30
C GLN C 78 -17.61 -3.80 -17.93
N ALA C 79 -18.45 -3.39 -18.88
CA ALA C 79 -18.23 -2.14 -19.59
C ALA C 79 -18.21 -0.90 -18.68
N MET C 80 -18.69 -1.06 -17.44
CA MET C 80 -18.68 0.04 -16.49
C MET C 80 -17.25 0.26 -16.00
N ASP C 81 -16.39 -0.68 -16.35
CA ASP C 81 -14.99 -0.65 -15.96
C ASP C 81 -14.13 0.09 -16.97
N GLU C 82 -14.73 0.46 -18.10
CA GLU C 82 -14.02 1.17 -19.16
C GLU C 82 -13.59 2.55 -18.65
N ALA C 83 -12.30 2.82 -18.69
CA ALA C 83 -11.80 4.01 -18.04
C ALA C 83 -10.36 4.26 -18.37
N ASP C 84 -9.81 5.31 -17.80
CA ASP C 84 -8.38 5.47 -17.74
C ASP C 84 -7.93 4.73 -16.49
N TYR C 85 -6.77 4.07 -16.53
CA TYR C 85 -6.16 3.50 -15.35
C TYR C 85 -4.71 3.96 -15.20
N TYR C 86 -4.37 4.45 -14.01
CA TYR C 86 -3.05 4.97 -13.73
C TYR C 86 -2.44 4.19 -12.59
N CYS C 87 -1.12 3.98 -12.64
CA CYS C 87 -0.40 3.37 -11.53
C CYS C 87 0.70 4.29 -10.99
N GLN C 88 1.06 4.10 -9.73
CA GLN C 88 2.03 4.97 -9.06
C GLN C 88 2.88 4.24 -8.07
N ALA C 89 4.06 4.80 -7.77
CA ALA C 89 4.89 4.33 -6.68
C ALA C 89 5.80 5.44 -6.19
N TRP C 90 6.66 5.11 -5.23
CA TRP C 90 7.44 6.11 -4.52
C TRP C 90 8.94 5.93 -4.74
N ASP C 91 9.72 6.99 -4.63
CA ASP C 91 11.16 6.91 -4.88
C ASP C 91 11.90 8.10 -4.28
N SER C 92 13.19 7.97 -4.00
CA SER C 92 13.84 8.98 -3.16
C SER C 92 12.83 9.18 -2.06
N SER C 93 12.35 10.41 -1.86
CA SER C 93 11.03 10.58 -1.26
C SER C 93 10.21 11.55 -2.14
N THR C 94 9.33 10.98 -2.96
CA THR C 94 8.72 11.67 -4.11
C THR C 94 7.90 10.63 -4.83
N ALA C 95 6.92 11.03 -5.64
CA ALA C 95 6.00 10.04 -6.20
C ALA C 95 6.04 10.03 -7.70
N VAL C 96 5.47 9.00 -8.30
CA VAL C 96 5.50 8.94 -9.75
C VAL C 96 4.33 8.16 -10.29
N PHE C 97 3.77 8.67 -11.37
CA PHE C 97 2.58 8.12 -11.99
C PHE C 97 3.10 7.90 -13.37
N GLY C 98 2.40 7.14 -14.17
CA GLY C 98 2.70 7.21 -15.57
C GLY C 98 1.32 7.11 -16.06
N GLY C 99 1.00 7.72 -17.19
CA GLY C 99 -0.37 8.10 -17.45
C GLY C 99 -1.09 7.26 -18.47
N GLY C 100 -0.43 6.27 -19.00
CA GLY C 100 -0.92 5.64 -20.21
C GLY C 100 -2.38 5.17 -20.29
N THR C 101 -2.86 4.30 -19.40
CA THR C 101 -3.73 3.20 -19.87
C THR C 101 -5.21 3.49 -19.89
N THR C 102 -5.79 3.69 -21.07
CA THR C 102 -7.24 3.67 -21.22
C THR C 102 -7.59 2.23 -21.41
N LEU C 103 -8.88 1.91 -21.41
CA LEU C 103 -9.35 0.55 -21.60
C LEU C 103 -10.32 0.60 -22.75
N THR C 104 -10.94 -0.51 -23.08
CA THR C 104 -12.05 -0.51 -24.00
C THR C 104 -12.79 -1.75 -23.62
N VAL C 105 -14.10 -1.75 -23.78
CA VAL C 105 -14.76 -3.03 -23.71
C VAL C 105 -15.52 -3.14 -25.01
N LEU C 106 -15.15 -4.12 -25.80
CA LEU C 106 -15.71 -4.23 -27.12
C LEU C 106 -16.53 -5.49 -27.16
N GLY C 107 -17.20 -5.70 -28.27
CA GLY C 107 -17.67 -4.58 -29.02
C GLY C 107 -18.94 -4.09 -28.37
N GLN C 108 -19.09 -2.79 -28.17
CA GLN C 108 -20.37 -2.32 -27.66
C GLN C 108 -21.35 -2.36 -28.83
N PRO C 109 -22.66 -2.31 -28.54
CA PRO C 109 -23.57 -2.22 -29.68
C PRO C 109 -23.37 -0.91 -30.44
N LYS C 110 -23.21 -0.99 -31.76
CA LYS C 110 -23.14 0.22 -32.57
C LYS C 110 -24.48 0.96 -32.46
N ALA C 111 -24.44 2.22 -32.02
CA ALA C 111 -25.64 3.06 -31.89
C ALA C 111 -25.40 4.44 -32.50
N ALA C 112 -26.47 5.11 -32.95
CA ALA C 112 -26.30 6.30 -33.80
C ALA C 112 -26.71 7.61 -33.10
N PRO C 113 -26.21 8.76 -33.61
CA PRO C 113 -26.43 10.05 -32.97
C PRO C 113 -27.90 10.39 -32.83
N SER C 114 -28.25 11.01 -31.70
CA SER C 114 -29.55 11.66 -31.56
C SER C 114 -29.31 13.17 -31.61
N VAL C 115 -29.74 13.83 -32.70
CA VAL C 115 -29.38 15.24 -32.90
C VAL C 115 -30.50 16.25 -32.59
N THR C 116 -30.11 17.30 -31.87
CA THR C 116 -30.96 18.39 -31.44
C THR C 116 -30.36 19.69 -31.98
N LEU C 117 -31.02 20.36 -32.92
CA LEU C 117 -30.49 21.59 -33.51
C LEU C 117 -31.28 22.82 -33.08
N PHE C 118 -30.61 23.76 -32.44
CA PHE C 118 -31.27 24.97 -31.96
C PHE C 118 -31.02 26.19 -32.83
N PRO C 119 -32.09 26.87 -33.24
CA PRO C 119 -32.02 28.18 -33.90
C PRO C 119 -31.76 29.26 -32.87
N PRO C 120 -31.05 30.32 -33.26
CA PRO C 120 -30.47 31.28 -32.32
C PRO C 120 -31.54 32.03 -31.51
N SER C 121 -31.23 32.41 -30.27
CA SER C 121 -32.22 33.02 -29.40
C SER C 121 -32.61 34.43 -29.81
N SER C 122 -33.77 34.87 -29.34
CA SER C 122 -34.20 36.26 -29.47
C SER C 122 -33.16 37.24 -28.93
N GLU C 123 -32.87 37.15 -27.63
CA GLU C 123 -31.84 37.99 -27.00
C GLU C 123 -30.57 37.94 -27.82
N GLU C 124 -30.23 36.76 -28.31
CA GLU C 124 -29.05 36.63 -29.13
C GLU C 124 -29.15 37.59 -30.33
N LEU C 125 -30.13 37.38 -31.20
CA LEU C 125 -30.37 38.31 -32.29
C LEU C 125 -30.47 39.74 -31.75
N GLN C 126 -31.26 39.92 -30.70
CA GLN C 126 -31.44 41.24 -30.09
C GLN C 126 -30.08 41.86 -29.69
N ALA C 127 -29.10 41.00 -29.48
CA ALA C 127 -27.75 41.43 -29.13
C ALA C 127 -26.96 41.64 -30.41
N ASN C 128 -27.64 41.55 -31.54
CA ASN C 128 -27.07 41.81 -32.86
C ASN C 128 -26.01 40.80 -33.29
N LYS C 129 -26.11 39.57 -32.80
CA LYS C 129 -25.28 38.48 -33.29
C LYS C 129 -26.04 37.16 -33.14
N ALA C 130 -25.83 36.22 -34.04
CA ALA C 130 -26.53 34.95 -33.95
C ALA C 130 -25.60 33.79 -34.09
N THR C 131 -25.72 32.84 -33.17
CA THR C 131 -24.88 31.64 -33.10
C THR C 131 -25.81 30.43 -33.03
N LEU C 132 -25.68 29.54 -34.00
CA LEU C 132 -26.49 28.32 -34.05
C LEU C 132 -26.01 27.28 -33.04
N VAL C 133 -26.70 26.14 -32.92
CA VAL C 133 -26.25 25.08 -32.04
C VAL C 133 -26.53 23.73 -32.68
N CYS C 134 -25.57 22.80 -32.61
CA CYS C 134 -25.92 21.41 -32.91
C CYS C 134 -25.45 20.51 -31.80
N LEU C 135 -26.38 19.77 -31.22
CA LEU C 135 -26.06 18.87 -30.11
C LEU C 135 -26.22 17.39 -30.44
N ILE C 136 -25.10 16.67 -30.56
CA ILE C 136 -25.13 15.23 -30.78
C ILE C 136 -25.21 14.48 -29.45
N SER C 137 -25.33 13.15 -29.47
CA SER C 137 -25.51 12.42 -28.21
C SER C 137 -25.66 10.89 -28.31
N ASP C 138 -25.40 10.21 -27.18
CA ASP C 138 -25.72 8.79 -27.03
C ASP C 138 -25.40 7.94 -28.26
N PHE C 139 -24.19 8.08 -28.79
CA PHE C 139 -23.83 7.34 -29.99
C PHE C 139 -22.53 6.55 -29.83
N TYR C 140 -22.14 5.85 -30.90
CA TYR C 140 -21.05 4.89 -30.83
C TYR C 140 -20.82 4.29 -32.19
N PRO C 141 -19.55 4.05 -32.51
CA PRO C 141 -18.40 4.45 -31.71
C PRO C 141 -18.17 5.97 -31.85
N GLY C 142 -17.08 6.49 -31.28
CA GLY C 142 -16.95 7.93 -31.11
C GLY C 142 -16.41 8.83 -32.23
N ALA C 143 -16.43 8.37 -33.48
CA ALA C 143 -16.01 9.22 -34.59
C ALA C 143 -17.20 9.76 -35.39
N VAL C 144 -17.21 11.05 -35.65
CA VAL C 144 -18.36 11.66 -36.32
C VAL C 144 -17.93 12.89 -37.12
N THR C 145 -18.72 13.30 -38.12
CA THR C 145 -18.39 14.48 -38.92
C THR C 145 -19.60 15.37 -39.10
N VAL C 146 -19.38 16.69 -39.09
CA VAL C 146 -20.50 17.64 -39.16
C VAL C 146 -20.60 18.41 -40.47
N ALA C 147 -21.80 18.44 -41.05
CA ALA C 147 -22.05 19.22 -42.25
C ALA C 147 -22.93 20.42 -41.93
N TRP C 148 -22.45 21.62 -42.28
CA TRP C 148 -23.24 22.84 -42.08
C TRP C 148 -23.70 23.45 -43.40
N LYS C 149 -24.99 23.36 -43.67
CA LYS C 149 -25.53 23.78 -44.95
C LYS C 149 -26.60 24.86 -44.80
N ALA C 150 -26.46 25.93 -45.58
CA ALA C 150 -27.43 27.02 -45.60
C ALA C 150 -28.25 26.98 -46.88
N ASP C 151 -29.53 26.66 -46.76
CA ASP C 151 -30.40 26.51 -47.93
C ASP C 151 -29.89 25.37 -48.80
N SER C 152 -29.29 24.38 -48.15
CA SER C 152 -28.79 23.18 -48.79
C SER C 152 -27.73 23.45 -49.88
N SER C 153 -27.06 24.60 -49.75
CA SER C 153 -25.72 24.78 -50.31
C SER C 153 -24.71 25.01 -49.17
N PRO C 154 -23.89 23.99 -48.87
CA PRO C 154 -23.05 24.02 -47.67
C PRO C 154 -22.10 25.20 -47.61
N VAL C 155 -21.89 25.69 -46.40
CA VAL C 155 -20.76 26.56 -46.09
C VAL C 155 -20.15 26.15 -44.76
N LYS C 156 -18.89 25.76 -44.80
CA LYS C 156 -18.18 25.28 -43.61
C LYS C 156 -17.41 26.40 -42.91
N ALA C 157 -17.54 27.61 -43.44
CA ALA C 157 -16.91 28.79 -42.85
C ALA C 157 -17.65 29.27 -41.59
N GLY C 158 -16.90 29.73 -40.60
CA GLY C 158 -17.50 30.29 -39.38
C GLY C 158 -18.17 29.27 -38.46
N VAL C 159 -17.59 28.08 -38.39
CA VAL C 159 -18.06 27.03 -37.48
C VAL C 159 -16.93 26.47 -36.62
N GLU C 160 -17.21 26.31 -35.32
CA GLU C 160 -16.29 25.73 -34.33
C GLU C 160 -16.87 24.40 -33.85
N THR C 161 -16.14 23.30 -34.04
CA THR C 161 -16.65 22.00 -33.59
C THR C 161 -15.74 21.34 -32.54
N THR C 162 -16.35 20.62 -31.59
CA THR C 162 -15.61 19.96 -30.54
C THR C 162 -14.95 18.69 -31.08
N THR C 163 -14.16 18.01 -30.26
CA THR C 163 -13.62 16.71 -30.61
C THR C 163 -14.30 15.66 -29.71
N PRO C 164 -15.03 14.70 -30.33
CA PRO C 164 -16.08 13.98 -29.61
C PRO C 164 -15.58 13.34 -28.35
N SER C 165 -16.35 13.43 -27.26
CA SER C 165 -15.92 12.94 -25.93
C SER C 165 -16.88 11.88 -25.37
N LYS C 166 -16.42 11.05 -24.45
CA LYS C 166 -17.27 9.98 -23.91
C LYS C 166 -18.19 10.53 -22.84
N GLN C 167 -19.10 9.69 -22.34
CA GLN C 167 -20.04 10.08 -21.29
C GLN C 167 -20.31 8.91 -20.34
N SER C 168 -20.93 9.17 -19.20
CA SER C 168 -21.18 8.11 -18.23
C SER C 168 -21.86 6.92 -18.90
N ASN C 169 -22.62 7.20 -19.95
CA ASN C 169 -23.36 6.18 -20.69
C ASN C 169 -22.41 5.22 -21.40
N ASN C 170 -21.14 5.60 -21.50
CA ASN C 170 -20.14 4.88 -22.32
C ASN C 170 -20.50 4.83 -23.80
N LYS C 171 -21.31 5.82 -24.18
CA LYS C 171 -21.46 6.22 -25.57
C LYS C 171 -20.88 7.62 -25.63
N TYR C 172 -20.55 8.07 -26.83
CA TYR C 172 -19.90 9.37 -26.96
C TYR C 172 -20.91 10.48 -27.21
N ALA C 173 -20.43 11.72 -27.20
CA ALA C 173 -21.24 12.92 -27.37
C ALA C 173 -20.31 14.06 -27.79
N ALA C 174 -20.86 15.08 -28.44
CA ALA C 174 -20.04 16.15 -29.00
C ALA C 174 -20.97 17.19 -29.57
N SER C 175 -20.48 18.41 -29.75
CA SER C 175 -21.34 19.54 -30.13
C SER C 175 -20.64 20.49 -31.11
N SER C 176 -21.42 21.22 -31.91
CA SER C 176 -20.86 22.18 -32.89
C SER C 176 -21.70 23.45 -33.10
N TYR C 177 -21.01 24.58 -33.26
CA TYR C 177 -21.64 25.91 -33.28
C TYR C 177 -21.47 26.70 -34.59
N LEU C 178 -22.54 26.95 -35.32
CA LEU C 178 -22.46 27.87 -36.46
C LEU C 178 -22.66 29.30 -35.96
N SER C 179 -21.73 30.20 -36.25
CA SER C 179 -21.97 31.61 -35.95
C SER C 179 -22.24 32.44 -37.21
N LEU C 180 -23.19 33.37 -37.12
CA LEU C 180 -23.64 34.18 -38.25
C LEU C 180 -23.89 35.61 -37.87
N THR C 181 -24.10 36.43 -38.88
CA THR C 181 -24.74 37.73 -38.69
C THR C 181 -26.25 37.49 -38.76
N PRO C 182 -27.03 38.09 -37.83
CA PRO C 182 -28.46 37.74 -37.93
C PRO C 182 -28.99 37.88 -39.36
N GLU C 183 -28.62 38.94 -40.07
CA GLU C 183 -29.08 39.20 -41.46
C GLU C 183 -28.84 38.03 -42.39
N GLN C 184 -27.70 37.36 -42.20
CA GLN C 184 -27.40 36.13 -42.90
C GLN C 184 -28.41 35.05 -42.54
N TRP C 185 -28.94 35.10 -41.33
CA TRP C 185 -29.88 34.09 -40.88
C TRP C 185 -31.18 34.21 -41.65
N LYS C 186 -31.77 35.40 -41.61
CA LYS C 186 -33.06 35.64 -42.28
C LYS C 186 -32.97 35.61 -43.80
N SER C 187 -31.81 36.02 -44.32
CA SER C 187 -31.52 36.06 -45.75
C SER C 187 -31.54 34.68 -46.40
N HIS C 188 -31.58 33.64 -45.56
CA HIS C 188 -31.64 32.27 -46.07
C HIS C 188 -32.92 31.57 -45.56
N ARG C 189 -33.50 30.70 -46.38
CA ARG C 189 -34.69 29.95 -45.98
C ARG C 189 -34.40 28.93 -44.88
N SER C 190 -33.48 28.01 -45.17
CA SER C 190 -33.30 26.78 -44.38
C SER C 190 -31.85 26.54 -43.92
N TYR C 191 -31.68 26.19 -42.65
CA TYR C 191 -30.37 25.77 -42.12
C TYR C 191 -30.35 24.31 -41.65
N SER C 192 -29.32 23.59 -42.06
CA SER C 192 -29.22 22.19 -41.67
C SER C 192 -27.89 21.79 -41.04
N CYS C 193 -28.00 20.93 -40.04
CA CYS C 193 -26.87 20.37 -39.33
C CYS C 193 -26.87 18.92 -39.74
N GLN C 194 -25.88 18.52 -40.52
CA GLN C 194 -25.83 17.15 -40.98
C GLN C 194 -24.60 16.44 -40.41
N VAL C 195 -24.82 15.43 -39.56
CA VAL C 195 -23.74 14.59 -39.05
C VAL C 195 -23.63 13.28 -39.83
N THR C 196 -22.42 12.92 -40.21
CA THR C 196 -22.17 11.67 -40.90
C THR C 196 -21.46 10.72 -39.93
N HIS C 197 -22.08 9.57 -39.67
CA HIS C 197 -21.61 8.65 -38.62
C HIS C 197 -20.88 7.43 -39.17
N GLU C 198 -21.65 6.47 -39.65
CA GLU C 198 -21.09 5.29 -40.29
C GLU C 198 -21.06 5.48 -41.80
N GLY C 199 -21.44 6.67 -42.25
CA GLY C 199 -21.86 6.88 -43.61
C GLY C 199 -23.37 6.87 -43.57
N SER C 200 -23.89 6.35 -42.45
CA SER C 200 -25.30 6.48 -42.11
C SER C 200 -25.50 7.88 -41.51
N THR C 201 -26.30 8.72 -42.17
CA THR C 201 -26.23 10.18 -41.98
C THR C 201 -27.50 10.86 -41.43
N VAL C 202 -27.39 11.42 -40.22
CA VAL C 202 -28.52 12.03 -39.50
C VAL C 202 -28.53 13.54 -39.52
N GLU C 203 -29.58 14.10 -40.12
CA GLU C 203 -29.71 15.54 -40.30
C GLU C 203 -31.03 16.09 -39.76
N LYS C 204 -30.92 17.08 -38.89
CA LYS C 204 -32.08 17.82 -38.43
C LYS C 204 -31.86 19.27 -38.83
N THR C 205 -32.94 20.01 -39.06
CA THR C 205 -32.83 21.33 -39.68
C THR C 205 -33.86 22.33 -39.13
N VAL C 206 -33.46 23.58 -38.90
CA VAL C 206 -34.40 24.64 -38.49
C VAL C 206 -34.20 25.93 -39.27
N ALA C 207 -35.01 26.94 -38.92
CA ALA C 207 -35.18 28.13 -39.75
C ALA C 207 -36.00 29.20 -39.05
N PRO C 208 -35.96 30.44 -39.56
CA PRO C 208 -36.54 31.61 -38.88
C PRO C 208 -38.06 31.51 -38.75
N THR C 209 -38.60 32.09 -37.69
CA THR C 209 -40.03 32.05 -37.42
C THR C 209 -40.51 33.34 -36.79
N GLU C 210 -41.83 33.53 -36.80
CA GLU C 210 -42.49 34.27 -35.73
C GLU C 210 -43.43 33.32 -34.96
N CYS C 211 -43.00 32.93 -33.77
CA CYS C 211 -43.83 32.16 -32.83
C CYS C 211 -43.30 32.31 -31.40
N SER C 212 -44.19 32.25 -30.42
CA SER C 212 -43.83 32.37 -29.00
C SER C 212 -44.47 31.21 -28.23
N MET C 213 -43.67 30.39 -27.55
CA MET C 213 -42.22 30.58 -27.44
C MET C 213 -41.45 29.76 -28.47
C1 NAG D . 6.52 -58.12 26.15
C2 NAG D . 6.75 -58.55 24.77
C3 NAG D . 5.53 -58.46 23.98
C4 NAG D . 4.39 -59.13 24.60
C5 NAG D . 4.17 -58.76 26.04
C6 NAG D . 3.10 -59.61 26.70
C7 NAG D . 9.10 -58.32 23.68
C8 NAG D . 10.20 -57.42 23.09
N2 NAG D . 7.84 -57.72 24.18
O3 NAG D . 5.75 -59.07 22.71
O4 NAG D . 3.24 -58.76 23.92
O5 NAG D . 5.37 -58.84 26.79
O6 NAG D . 3.42 -60.87 27.18
O7 NAG D . 9.29 -59.53 23.73
C1 NAG D . 2.78 -59.88 23.15
C2 NAG D . 1.33 -59.77 22.96
C3 NAG D . 0.83 -60.90 22.16
C4 NAG D . 1.54 -61.04 20.90
C5 NAG D . 3.03 -61.11 21.07
C6 NAG D . 3.78 -61.14 19.74
C7 NAG D . 0.39 -58.48 25.02
C8 NAG D . -0.33 -58.49 26.37
N2 NAG D . 0.64 -59.75 24.29
O3 NAG D . -0.56 -60.67 21.94
O4 NAG D . 1.15 -62.22 20.30
O5 NAG D . 3.52 -60.05 21.87
O6 NAG D . 3.42 -60.30 18.71
O7 NAG D . 0.74 -57.40 24.54
C1 BMA D . -0.07 -62.02 19.54
C2 BMA D . 0.09 -62.51 18.13
C3 BMA D . -1.14 -62.24 17.36
C4 BMA D . -2.27 -62.80 17.95
C5 BMA D . -2.40 -62.43 19.39
C6 BMA D . -3.45 -63.25 20.17
O2 BMA D . 0.29 -63.86 18.15
O3 BMA D . -1.09 -62.61 15.98
O4 BMA D . -3.32 -62.25 17.24
O5 BMA D . -1.16 -62.57 20.16
O6 BMA D . -4.07 -62.66 21.22
C1 MAN D . -0.90 -64.00 15.54
C2 MAN D . -2.24 -64.73 15.33
C3 MAN D . -2.24 -66.08 15.96
C4 MAN D . -1.14 -66.88 15.52
C5 MAN D . 0.16 -66.19 15.71
C6 MAN D . 0.91 -66.18 14.44
O2 MAN D . -2.46 -64.80 13.99
O3 MAN D . -3.46 -66.76 15.59
O4 MAN D . -1.10 -68.01 16.33
O5 MAN D . -0.01 -64.78 16.27
O6 MAN D . 1.97 -67.02 14.29
C1 MAN D . -5.36 -62.19 20.80
C2 MAN D . -5.43 -60.67 20.76
C3 MAN D . -6.78 -60.19 21.15
C4 MAN D . -7.83 -60.99 20.62
C5 MAN D . -7.75 -62.40 21.10
C6 MAN D . -8.19 -63.33 20.06
O2 MAN D . -5.12 -60.27 19.51
O3 MAN D . -6.93 -58.87 20.60
O4 MAN D . -9.02 -60.51 21.13
O5 MAN D . -6.35 -62.75 21.58
O6 MAN D . -7.67 -64.60 20.08
C1 NAG E . 14.62 18.91 7.48
C2 NAG E . 14.18 19.62 6.28
C3 NAG E . 15.05 20.75 5.92
C4 NAG E . 15.37 21.64 7.04
C5 NAG E . 15.68 20.94 8.34
C6 NAG E . 15.61 21.93 9.50
C7 NAG E . 13.29 19.07 3.98
C8 NAG E . 13.13 18.12 2.80
N2 NAG E . 14.07 18.66 5.15
O3 NAG E . 14.39 21.53 4.94
O4 NAG E . 16.49 22.37 6.67
O5 NAG E . 14.79 19.87 8.62
O6 NAG E . 14.40 21.99 10.21
O7 NAG E . 12.76 20.18 3.97
C1 NAG E . 16.35 23.79 6.87
C2 NAG E . 14.99 24.27 7.12
C3 NAG E . 15.03 25.63 7.65
C4 NAG E . 15.88 25.69 8.82
C5 NAG E . 17.29 25.35 8.47
C6 NAG E . 18.18 25.34 9.69
C7 NAG E . 12.62 24.39 5.88
C8 NAG E . 11.82 24.29 4.58
N2 NAG E . 14.11 24.20 5.90
O3 NAG E . 13.73 25.98 8.08
O4 NAG E . 15.76 26.88 9.52
O5 NAG E . 17.33 24.06 7.97
O6 NAG E . 18.12 24.19 10.43
O7 NAG E . 11.99 24.63 6.90
C1 BMA E . 15.94 28.17 8.86
C2 BMA E . 17.30 28.39 8.27
C3 BMA E . 17.42 29.84 8.36
C4 BMA E . 16.56 30.49 7.50
C5 BMA E . 15.13 30.12 7.79
C6 BMA E . 14.04 30.62 6.82
O2 BMA E . 17.40 28.04 6.95
O3 BMA E . 18.74 30.28 8.09
O4 BMA E . 16.73 31.82 7.80
O5 BMA E . 14.95 28.67 8.03
O6 BMA E . 14.35 31.32 5.70
C1 MAN E . 19.75 29.62 8.93
C2 MAN E . 19.48 29.71 10.48
C3 MAN E . 20.77 29.71 11.26
C4 MAN E . 21.80 28.85 10.68
C5 MAN E . 22.17 29.26 9.26
C6 MAN E . 22.66 28.13 8.42
O2 MAN E . 18.65 28.70 10.94
O3 MAN E . 20.49 29.35 12.64
O4 MAN E . 22.98 28.93 11.43
O5 MAN E . 21.05 30.07 8.55
O6 MAN E . 23.43 28.44 7.33
C1 MAN E . 14.54 32.76 5.95
C2 MAN E . 13.38 33.39 6.80
C3 MAN E . 12.29 33.96 5.86
C4 MAN E . 12.78 34.91 4.87
C5 MAN E . 13.74 34.13 3.95
C6 MAN E . 14.30 34.80 2.74
O2 MAN E . 13.86 34.25 7.81
O3 MAN E . 11.09 34.41 6.59
O4 MAN E . 11.68 35.38 4.12
O5 MAN E . 14.88 33.42 4.73
O6 MAN E . 14.19 36.16 2.50
#